data_4M06
#
_entry.id   4M06
#
_cell.length_a   136.210
_cell.length_b   113.420
_cell.length_c   118.840
_cell.angle_alpha   90.000
_cell.angle_beta   117.940
_cell.angle_gamma   90.000
#
_symmetry.space_group_name_H-M   'C 1 2 1'
#
loop_
_entity.id
_entity.type
_entity.pdbx_description
1 polymer 'Chlorite dismutase'
2 non-polymer 'PROTOPORPHYRIN IX CONTAINING FE'
3 non-polymer GLYCEROL
4 non-polymer 'CYANIDE ION'
5 non-polymer 1,2-ETHANEDIOL
6 water water
#
_entity_poly.entity_id   1
_entity_poly.type   'polypeptide(L)'
_entity_poly.pdbx_seq_one_letter_code
;MISWSHPQFEKGSENLYFQGAMADREKLLTESGVYGTFATFQMDHDWWDLPGESRVISVAEVKGLVEQWSGKILVESYLL
RGLSDHADLMFRVHARTLSDTQQFLSAFMGTRLGRHLTSGGLLHGVSKKPTYVAGFPESMKTELQVNGESGSRPYAIVIP
IKKDAEFWALDQEARTALMQEHTQAALPYLKTVKRKLYHSTGLDDVDFITYFETERLEDFHNLVRALQQVKEFRHNRRFG
HPTLLGTMSPLDEILEKFAQ
;
_entity_poly.pdbx_strand_id   A,B,C,D,E
#
loop_
_chem_comp.id
_chem_comp.type
_chem_comp.name
_chem_comp.formula
CYN non-polymer 'CYANIDE ION' 'C N -1'
EDO non-polymer 1,2-ETHANEDIOL 'C2 H6 O2'
GOL non-polymer GLYCEROL 'C3 H8 O3'
HEM non-polymer 'PROTOPORPHYRIN IX CONTAINING FE' 'C34 H32 Fe N4 O4'
#
# COMPACT_ATOMS: atom_id res chain seq x y z
N GLU A 26 3.22 37.22 -15.43
CA GLU A 26 4.42 36.94 -14.66
C GLU A 26 5.46 36.16 -15.47
N LYS A 27 6.73 36.53 -15.28
CA LYS A 27 7.85 35.90 -15.97
C LYS A 27 7.85 34.39 -15.75
N LEU A 28 7.72 33.98 -14.49
CA LEU A 28 7.81 32.57 -14.14
C LEU A 28 6.61 31.77 -14.63
N LEU A 29 5.44 32.39 -14.63
CA LEU A 29 4.21 31.66 -14.88
C LEU A 29 4.05 31.26 -16.35
N THR A 30 4.83 31.87 -17.24
CA THR A 30 4.62 31.69 -18.68
C THR A 30 5.87 31.33 -19.48
N GLU A 31 7.06 31.69 -18.98
CA GLU A 31 8.28 31.40 -19.72
C GLU A 31 8.69 29.93 -19.54
N SER A 32 9.61 29.46 -20.39
CA SER A 32 10.09 28.09 -20.33
C SER A 32 11.41 28.02 -19.56
N GLY A 33 11.69 26.84 -19.01
CA GLY A 33 12.87 26.63 -18.18
C GLY A 33 12.58 26.85 -16.71
N VAL A 34 11.34 27.23 -16.42
CA VAL A 34 10.91 27.49 -15.05
C VAL A 34 10.40 26.22 -14.41
N TYR A 35 11.08 25.77 -13.35
CA TYR A 35 10.63 24.61 -12.61
C TYR A 35 9.36 24.96 -11.85
N GLY A 36 8.44 24.01 -11.80
CA GLY A 36 7.20 24.16 -11.05
C GLY A 36 7.08 23.00 -10.08
N THR A 37 6.77 23.31 -8.83
CA THR A 37 6.72 22.29 -7.79
C THR A 37 5.40 22.29 -7.05
N PHE A 38 4.86 21.11 -6.85
CA PHE A 38 3.60 20.92 -6.16
C PHE A 38 3.85 20.15 -4.87
N ALA A 39 3.65 20.83 -3.75
CA ALA A 39 3.88 20.25 -2.42
C ALA A 39 2.59 20.32 -1.62
N THR A 40 2.19 19.19 -1.08
CA THR A 40 0.96 19.07 -0.31
C THR A 40 1.28 18.86 1.16
N PHE A 41 0.39 19.33 2.03
CA PHE A 41 0.56 19.17 3.47
C PHE A 41 -0.77 18.89 4.17
N GLN A 42 -0.68 18.22 5.31
CA GLN A 42 -1.83 17.92 6.14
C GLN A 42 -1.50 18.30 7.59
N MET A 43 -2.47 18.87 8.29
CA MET A 43 -2.25 19.34 9.65
C MET A 43 -2.42 18.22 10.67
N ASP A 44 -1.44 18.10 11.58
CA ASP A 44 -1.49 17.10 12.64
C ASP A 44 -2.63 17.40 13.61
N HIS A 45 -3.01 16.42 14.40
CA HIS A 45 -4.04 16.61 15.40
C HIS A 45 -3.57 17.49 16.55
N ASP A 46 -2.33 17.27 17.01
CA ASP A 46 -1.83 17.99 18.18
C ASP A 46 -1.65 19.47 17.91
N TRP A 47 -1.88 19.89 16.68
CA TRP A 47 -1.78 21.30 16.32
C TRP A 47 -2.85 22.12 17.03
N TRP A 48 -4.00 21.51 17.29
CA TRP A 48 -5.09 22.22 17.95
C TRP A 48 -4.98 22.14 19.48
N ASP A 49 -4.06 21.32 19.97
CA ASP A 49 -3.74 21.31 21.39
C ASP A 49 -2.97 22.56 21.79
N LEU A 50 -2.42 23.26 20.79
CA LEU A 50 -1.72 24.51 21.04
C LEU A 50 -2.70 25.63 21.34
N PRO A 51 -2.32 26.53 22.28
CA PRO A 51 -3.18 27.67 22.63
C PRO A 51 -3.39 28.64 21.47
N GLY A 52 -4.53 29.32 21.45
CA GLY A 52 -4.89 30.24 20.39
C GLY A 52 -3.78 31.22 20.02
N GLU A 53 -3.08 31.76 21.02
CA GLU A 53 -2.01 32.71 20.78
C GLU A 53 -0.92 32.07 19.95
N SER A 54 -0.48 30.89 20.38
CA SER A 54 0.59 30.18 19.70
C SER A 54 0.26 29.91 18.22
N ARG A 55 -1.02 29.71 17.93
CA ARG A 55 -1.39 29.38 16.55
C ARG A 55 -1.26 30.60 15.65
N VAL A 56 -1.68 31.77 16.16
CA VAL A 56 -1.65 32.99 15.36
C VAL A 56 -0.23 33.53 15.12
N ILE A 57 0.64 33.38 16.10
CA ILE A 57 2.03 33.79 15.97
C ILE A 57 2.70 32.94 14.90
N SER A 58 2.41 31.65 14.91
CA SER A 58 2.98 30.70 13.94
C SER A 58 2.59 31.11 12.52
N VAL A 59 1.33 31.53 12.36
CA VAL A 59 0.83 32.01 11.07
C VAL A 59 1.69 33.17 10.59
N ALA A 60 2.05 34.06 11.52
CA ALA A 60 2.82 35.24 11.16
C ALA A 60 4.21 34.85 10.67
N GLU A 61 4.81 33.84 11.31
CA GLU A 61 6.13 33.35 10.94
C GLU A 61 6.17 32.98 9.46
N VAL A 62 5.17 32.21 9.03
CA VAL A 62 5.11 31.71 7.66
C VAL A 62 4.92 32.83 6.67
N LYS A 63 3.95 33.71 6.93
CA LYS A 63 3.68 34.83 6.05
C LYS A 63 4.93 35.65 5.78
N GLY A 64 5.78 35.77 6.81
CA GLY A 64 7.04 36.47 6.68
C GLY A 64 8.01 35.71 5.81
N LEU A 65 8.11 34.40 6.06
CA LEU A 65 8.99 33.53 5.29
C LEU A 65 8.66 33.60 3.80
N VAL A 66 7.37 33.62 3.47
CA VAL A 66 6.96 33.67 2.07
C VAL A 66 7.41 34.98 1.42
N GLU A 67 7.19 36.10 2.11
CA GLU A 67 7.62 37.39 1.59
C GLU A 67 9.13 37.45 1.52
N GLN A 68 9.78 36.77 2.46
CA GLN A 68 11.24 36.72 2.52
C GLN A 68 11.76 36.08 1.24
N TRP A 69 10.99 35.14 0.70
CA TRP A 69 11.38 34.43 -0.52
C TRP A 69 10.74 35.03 -1.78
N SER A 70 9.74 35.90 -1.59
CA SER A 70 8.98 36.45 -2.72
C SER A 70 9.86 37.10 -3.80
N GLY A 71 11.11 37.37 -3.46
CA GLY A 71 12.07 37.90 -4.41
C GLY A 71 12.57 36.83 -5.35
N LYS A 72 12.96 35.69 -4.78
CA LYS A 72 13.61 34.62 -5.53
C LYS A 72 12.63 33.68 -6.23
N ILE A 73 11.47 33.46 -5.63
CA ILE A 73 10.52 32.47 -6.14
C ILE A 73 9.09 32.99 -6.08
N LEU A 74 8.19 32.32 -6.80
CA LEU A 74 6.76 32.62 -6.74
C LEU A 74 6.07 31.47 -6.02
N VAL A 75 5.16 31.80 -5.10
CA VAL A 75 4.48 30.80 -4.29
C VAL A 75 2.99 31.09 -4.25
N GLU A 76 2.19 30.08 -4.56
CA GLU A 76 0.74 30.21 -4.58
C GLU A 76 0.13 29.10 -3.73
N SER A 77 -1.04 29.38 -3.16
CA SER A 77 -1.61 28.52 -2.14
C SER A 77 -2.99 28.02 -2.52
N TYR A 78 -3.31 26.83 -2.05
CA TYR A 78 -4.59 26.19 -2.37
C TYR A 78 -5.10 25.49 -1.12
N LEU A 79 -6.38 25.68 -0.82
CA LEU A 79 -7.02 24.99 0.30
C LEU A 79 -7.58 23.66 -0.20
N LEU A 80 -6.91 22.57 0.15
CA LEU A 80 -7.35 21.23 -0.26
C LEU A 80 -8.26 20.63 0.80
N ARG A 81 -8.26 21.24 1.98
CA ARG A 81 -9.02 20.74 3.11
C ARG A 81 -10.49 20.64 2.72
N GLY A 82 -11.03 19.43 2.76
CA GLY A 82 -12.44 19.21 2.47
C GLY A 82 -12.75 18.95 1.00
N LEU A 83 -11.73 18.91 0.14
CA LEU A 83 -11.91 18.57 -1.27
C LEU A 83 -11.00 17.43 -1.70
N SER A 84 -9.81 17.37 -1.11
CA SER A 84 -8.85 16.30 -1.35
C SER A 84 -8.58 15.53 -0.07
N ASP A 85 -8.63 14.20 -0.14
CA ASP A 85 -8.39 13.36 1.02
C ASP A 85 -6.95 13.51 1.50
N HIS A 86 -6.76 13.44 2.82
CA HIS A 86 -5.43 13.50 3.42
C HIS A 86 -4.59 14.67 2.91
N ALA A 87 -5.23 15.82 2.77
CA ALA A 87 -4.53 17.02 2.37
C ALA A 87 -5.34 18.26 2.75
N ASP A 88 -4.66 19.26 3.32
CA ASP A 88 -5.31 20.49 3.75
C ASP A 88 -4.83 21.63 2.89
N LEU A 89 -3.54 21.60 2.57
CA LEU A 89 -2.87 22.74 1.94
C LEU A 89 -1.93 22.29 0.83
N MET A 90 -1.84 23.11 -0.23
CA MET A 90 -0.87 22.89 -1.31
C MET A 90 -0.18 24.19 -1.72
N PHE A 91 1.12 24.09 -1.96
CA PHE A 91 1.88 25.20 -2.52
C PHE A 91 2.25 24.85 -3.95
N ARG A 92 2.08 25.82 -4.85
CA ARG A 92 2.63 25.72 -6.20
C ARG A 92 3.80 26.68 -6.30
N VAL A 93 5.01 26.15 -6.34
CA VAL A 93 6.21 26.99 -6.26
C VAL A 93 6.93 27.03 -7.59
N HIS A 94 7.06 28.24 -8.15
CA HIS A 94 7.83 28.45 -9.36
C HIS A 94 9.21 28.99 -9.03
N ALA A 95 10.22 28.45 -9.69
CA ALA A 95 11.60 28.86 -9.45
C ALA A 95 12.49 28.41 -10.60
N ARG A 96 13.54 29.18 -10.87
CA ARG A 96 14.46 28.86 -11.95
C ARG A 96 15.49 27.80 -11.56
N THR A 97 15.47 27.40 -10.29
CA THR A 97 16.23 26.25 -9.85
C THR A 97 15.46 25.59 -8.73
N LEU A 98 15.55 24.27 -8.65
CA LEU A 98 14.81 23.53 -7.64
C LEU A 98 15.47 23.67 -6.28
N SER A 99 16.76 24.03 -6.29
CA SER A 99 17.47 24.27 -5.04
C SER A 99 16.74 25.33 -4.23
N ASP A 100 16.36 26.43 -4.87
CA ASP A 100 15.62 27.50 -4.21
C ASP A 100 14.31 26.95 -3.64
N THR A 101 13.61 26.18 -4.44
CA THR A 101 12.36 25.60 -4.00
C THR A 101 12.61 24.67 -2.81
N GLN A 102 13.73 23.96 -2.84
CA GLN A 102 14.07 23.06 -1.75
C GLN A 102 14.27 23.87 -0.48
N GLN A 103 15.09 24.90 -0.58
CA GLN A 103 15.39 25.75 0.55
C GLN A 103 14.12 26.33 1.15
N PHE A 104 13.24 26.83 0.30
CA PHE A 104 12.00 27.43 0.78
C PHE A 104 11.13 26.39 1.50
N LEU A 105 10.98 25.22 0.89
CA LEU A 105 10.14 24.18 1.46
C LEU A 105 10.72 23.59 2.73
N SER A 106 12.05 23.52 2.80
CA SER A 106 12.70 22.98 3.98
C SER A 106 12.47 23.97 5.11
N ALA A 107 12.55 25.26 4.77
CA ALA A 107 12.30 26.33 5.72
C ALA A 107 10.85 26.35 6.18
N PHE A 108 9.92 26.29 5.23
CA PHE A 108 8.50 26.31 5.58
C PHE A 108 8.19 25.22 6.59
N MET A 109 8.70 24.01 6.33
CA MET A 109 8.46 22.88 7.22
C MET A 109 9.21 23.05 8.53
N GLY A 110 10.13 24.01 8.56
CA GLY A 110 10.90 24.34 9.76
C GLY A 110 10.18 25.28 10.71
N THR A 111 9.34 26.16 10.17
CA THR A 111 8.56 27.09 10.98
C THR A 111 7.71 26.32 11.98
N ARG A 112 7.21 27.00 13.02
CA ARG A 112 6.40 26.31 14.02
C ARG A 112 5.20 25.64 13.38
N LEU A 113 4.63 26.28 12.36
CA LEU A 113 3.51 25.71 11.63
C LEU A 113 3.94 24.44 10.88
N GLY A 114 5.05 24.55 10.16
CA GLY A 114 5.59 23.45 9.39
C GLY A 114 5.87 22.22 10.25
N ARG A 115 6.19 22.46 11.52
CA ARG A 115 6.52 21.38 12.43
C ARG A 115 5.28 20.57 12.79
N HIS A 116 4.11 21.11 12.46
CA HIS A 116 2.86 20.41 12.70
C HIS A 116 2.22 19.99 11.37
N LEU A 117 3.04 19.91 10.32
CA LEU A 117 2.58 19.49 9.00
C LEU A 117 3.27 18.21 8.56
N THR A 118 2.46 17.21 8.21
CA THR A 118 2.92 15.99 7.59
C THR A 118 3.10 16.20 6.09
N SER A 119 4.30 15.98 5.58
CA SER A 119 4.56 16.19 4.16
C SER A 119 3.71 15.22 3.36
N GLY A 120 2.89 15.78 2.49
CA GLY A 120 2.05 15.00 1.59
C GLY A 120 2.78 14.71 0.29
N GLY A 121 2.08 14.84 -0.82
CA GLY A 121 2.70 14.64 -2.11
C GLY A 121 3.67 15.74 -2.44
N LEU A 122 4.71 15.40 -3.18
CA LEU A 122 5.70 16.36 -3.65
C LEU A 122 6.15 16.01 -5.07
N LEU A 123 5.87 16.91 -6.02
CA LEU A 123 6.18 16.69 -7.44
C LEU A 123 6.81 17.93 -8.08
N HIS A 124 7.82 17.71 -8.91
CA HIS A 124 8.48 18.79 -9.64
C HIS A 124 8.35 18.56 -11.14
N GLY A 125 8.41 19.64 -11.91
CA GLY A 125 8.41 19.56 -13.35
C GLY A 125 8.72 20.89 -14.00
N VAL A 126 9.60 20.88 -14.99
CA VAL A 126 9.98 22.09 -15.72
C VAL A 126 8.96 22.43 -16.81
N SER A 127 8.72 23.72 -17.02
CA SER A 127 7.87 24.16 -18.11
C SER A 127 8.75 24.25 -19.36
N LYS A 128 8.26 23.69 -20.46
CA LYS A 128 9.08 23.48 -21.65
C LYS A 128 8.39 24.09 -22.86
N LYS A 129 9.15 24.28 -23.93
CA LYS A 129 8.61 24.84 -25.16
C LYS A 129 7.79 23.76 -25.86
N PRO A 130 6.64 24.13 -26.46
CA PRO A 130 5.74 23.14 -27.09
C PRO A 130 6.47 22.22 -28.05
N THR A 131 6.10 20.93 -28.05
CA THR A 131 6.81 19.93 -28.84
C THR A 131 6.00 19.52 -30.08
N TYR A 132 4.67 19.56 -29.99
CA TYR A 132 3.80 19.07 -31.05
C TYR A 132 2.93 20.13 -31.72
N VAL A 133 2.80 21.30 -31.12
CA VAL A 133 1.87 22.31 -31.61
C VAL A 133 2.25 22.80 -33.01
N ALA A 134 3.54 22.78 -33.32
CA ALA A 134 4.02 23.29 -34.61
C ALA A 134 3.47 22.48 -35.78
N GLY A 135 3.27 21.19 -35.56
CA GLY A 135 2.79 20.29 -36.61
C GLY A 135 1.28 20.25 -36.73
N PHE A 136 0.59 21.16 -36.06
CA PHE A 136 -0.87 21.22 -36.12
C PHE A 136 -1.29 22.15 -37.25
N PRO A 137 -2.56 22.05 -37.68
CA PRO A 137 -3.10 23.00 -38.66
C PRO A 137 -2.98 24.44 -38.18
N GLU A 138 -2.78 25.37 -39.11
CA GLU A 138 -2.55 26.77 -38.77
C GLU A 138 -3.74 27.38 -38.03
N SER A 139 -4.94 26.90 -38.33
CA SER A 139 -6.15 27.39 -37.66
C SER A 139 -6.20 26.94 -36.21
N MET A 140 -5.60 25.78 -35.93
CA MET A 140 -5.58 25.22 -34.58
C MET A 140 -4.57 25.97 -33.72
N LYS A 141 -3.43 26.33 -34.31
CA LYS A 141 -2.41 27.09 -33.59
C LYS A 141 -2.97 28.40 -33.07
N THR A 142 -3.82 29.04 -33.88
CA THR A 142 -4.42 30.32 -33.52
C THR A 142 -5.28 30.20 -32.28
N GLU A 143 -6.16 29.20 -32.27
CA GLU A 143 -7.11 29.01 -31.19
C GLU A 143 -6.42 28.72 -29.87
N LEU A 144 -5.25 28.07 -29.93
CA LEU A 144 -4.53 27.70 -28.73
C LEU A 144 -3.97 28.90 -27.98
N GLN A 145 -4.05 30.08 -28.59
CA GLN A 145 -3.61 31.31 -27.94
C GLN A 145 -4.50 31.63 -26.75
N VAL A 146 -5.77 31.25 -26.84
CA VAL A 146 -6.68 31.39 -25.71
C VAL A 146 -6.32 30.31 -24.70
N ASN A 147 -6.16 30.70 -23.43
CA ASN A 147 -5.77 29.76 -22.39
C ASN A 147 -6.84 29.59 -21.32
N GLY A 148 -7.36 30.68 -20.79
CA GLY A 148 -8.33 30.61 -19.71
C GLY A 148 -9.26 31.80 -19.61
N GLU A 149 -9.99 31.86 -18.51
CA GLU A 149 -10.98 32.90 -18.27
C GLU A 149 -10.43 33.99 -17.36
N SER A 150 -11.26 34.99 -17.09
CA SER A 150 -10.95 36.02 -16.10
C SER A 150 -11.67 35.65 -14.81
N GLY A 151 -10.96 34.98 -13.91
CA GLY A 151 -11.56 34.47 -12.69
C GLY A 151 -10.67 34.60 -11.47
N SER A 152 -11.31 34.84 -10.32
CA SER A 152 -10.62 34.93 -9.04
C SER A 152 -11.12 33.83 -8.14
N ARG A 153 -10.22 33.28 -7.32
CA ARG A 153 -10.52 32.14 -6.47
C ARG A 153 -11.19 31.01 -7.24
N PRO A 154 -10.55 30.58 -8.34
CA PRO A 154 -11.09 29.46 -9.11
C PRO A 154 -10.74 28.15 -8.43
N TYR A 155 -11.49 27.09 -8.73
CA TYR A 155 -11.07 25.76 -8.34
C TYR A 155 -9.74 25.49 -9.04
N ALA A 156 -8.97 24.55 -8.49
CA ALA A 156 -7.73 24.14 -9.13
C ALA A 156 -7.64 22.62 -9.09
N ILE A 157 -7.13 22.02 -10.16
CA ILE A 157 -6.96 20.58 -10.22
C ILE A 157 -5.55 20.24 -10.68
N VAL A 158 -4.97 19.21 -10.07
CA VAL A 158 -3.65 18.74 -10.46
C VAL A 158 -3.75 17.23 -10.71
N ILE A 159 -3.33 16.81 -11.90
CA ILE A 159 -3.39 15.41 -12.30
C ILE A 159 -2.04 14.99 -12.83
N PRO A 160 -1.30 14.17 -12.05
CA PRO A 160 -0.03 13.63 -12.56
C PRO A 160 -0.29 12.54 -13.59
N ILE A 161 0.63 12.38 -14.53
CA ILE A 161 0.47 11.41 -15.61
C ILE A 161 1.78 10.70 -15.93
N LYS A 162 1.69 9.39 -16.10
CA LYS A 162 2.80 8.60 -16.61
C LYS A 162 2.37 7.82 -17.86
N LYS A 163 3.09 8.03 -18.96
CA LYS A 163 2.81 7.35 -20.21
C LYS A 163 3.39 5.93 -20.16
N ASP A 164 2.78 5.01 -20.90
CA ASP A 164 3.31 3.65 -21.01
C ASP A 164 4.48 3.61 -21.99
N ALA A 165 5.17 2.46 -22.03
CA ALA A 165 6.33 2.31 -22.90
C ALA A 165 5.96 2.45 -24.37
N GLU A 166 4.76 1.99 -24.73
CA GLU A 166 4.25 2.08 -26.09
C GLU A 166 4.33 3.52 -26.59
N PHE A 167 3.85 4.44 -25.78
CA PHE A 167 3.76 5.83 -26.17
C PHE A 167 5.10 6.40 -26.61
N TRP A 168 6.19 6.02 -25.93
CA TRP A 168 7.50 6.59 -26.24
C TRP A 168 8.09 5.94 -27.49
N ALA A 169 7.70 4.70 -27.75
CA ALA A 169 8.21 3.97 -28.91
C ALA A 169 7.68 4.56 -30.21
N LEU A 170 6.50 5.16 -30.15
CA LEU A 170 5.89 5.80 -31.32
C LEU A 170 6.82 6.85 -31.93
N ASP A 171 6.61 7.14 -33.21
CA ASP A 171 7.40 8.14 -33.91
C ASP A 171 6.75 9.51 -33.75
N GLN A 172 7.47 10.56 -34.13
CA GLN A 172 7.02 11.93 -33.90
C GLN A 172 5.66 12.15 -34.57
N GLU A 173 5.51 11.66 -35.79
CA GLU A 173 4.28 11.86 -36.53
C GLU A 173 3.11 11.20 -35.81
N ALA A 174 3.36 10.02 -35.25
CA ALA A 174 2.32 9.27 -34.58
C ALA A 174 1.86 10.04 -33.36
N ARG A 175 2.82 10.50 -32.58
CA ARG A 175 2.52 11.26 -31.38
C ARG A 175 1.93 12.63 -31.71
N THR A 176 2.47 13.29 -32.72
CA THR A 176 1.95 14.59 -33.17
C THR A 176 0.49 14.44 -33.56
N ALA A 177 0.13 13.26 -34.05
CA ALA A 177 -1.24 12.97 -34.45
C ALA A 177 -2.13 12.78 -33.23
N LEU A 178 -1.62 12.00 -32.27
CA LEU A 178 -2.36 11.70 -31.04
C LEU A 178 -2.68 12.98 -30.28
N MET A 179 -1.71 13.88 -30.22
CA MET A 179 -1.88 15.11 -29.47
C MET A 179 -2.85 16.04 -30.19
N GLN A 180 -2.86 16.00 -31.51
CA GLN A 180 -3.77 16.83 -32.28
C GLN A 180 -5.22 16.41 -32.01
N GLU A 181 -5.43 15.12 -31.82
CA GLU A 181 -6.76 14.61 -31.49
C GLU A 181 -7.08 15.01 -30.04
N HIS A 182 -6.06 14.97 -29.19
CA HIS A 182 -6.17 15.42 -27.79
C HIS A 182 -6.62 16.87 -27.76
N THR A 183 -5.90 17.73 -28.48
CA THR A 183 -6.24 19.16 -28.55
C THR A 183 -7.66 19.37 -29.06
N GLN A 184 -8.01 18.65 -30.12
CA GLN A 184 -9.32 18.78 -30.77
C GLN A 184 -10.46 18.56 -29.79
N ALA A 185 -10.33 17.53 -28.96
CA ALA A 185 -11.40 17.16 -28.04
C ALA A 185 -11.60 18.26 -27.00
N ALA A 186 -10.54 19.03 -26.74
CA ALA A 186 -10.54 19.99 -25.63
C ALA A 186 -10.94 21.41 -26.04
N LEU A 187 -10.97 21.69 -27.33
CA LEU A 187 -11.18 23.06 -27.83
C LEU A 187 -12.41 23.77 -27.25
N PRO A 188 -13.54 23.05 -27.10
CA PRO A 188 -14.71 23.74 -26.53
C PRO A 188 -14.54 24.19 -25.07
N TYR A 189 -13.43 23.81 -24.42
CA TYR A 189 -13.21 24.12 -23.01
C TYR A 189 -12.00 25.03 -22.88
N LEU A 190 -11.50 25.50 -24.02
CA LEU A 190 -10.29 26.30 -24.08
C LEU A 190 -10.44 27.61 -23.33
N LYS A 191 -11.67 28.09 -23.20
CA LYS A 191 -11.94 29.38 -22.57
C LYS A 191 -12.18 29.24 -21.05
N THR A 192 -13.00 28.26 -20.66
CA THR A 192 -13.45 28.10 -19.29
C THR A 192 -12.49 27.29 -18.41
N VAL A 193 -11.36 26.90 -18.96
CA VAL A 193 -10.38 26.08 -18.24
C VAL A 193 -8.97 26.53 -18.58
N LYS A 194 -8.28 27.13 -17.61
CA LYS A 194 -6.89 27.50 -17.79
C LYS A 194 -6.07 26.25 -17.63
N ARG A 195 -4.93 26.18 -18.30
CA ARG A 195 -4.12 24.97 -18.31
C ARG A 195 -2.65 25.32 -18.26
N LYS A 196 -1.87 24.41 -17.67
CA LYS A 196 -0.42 24.50 -17.72
C LYS A 196 0.14 23.09 -17.60
N LEU A 197 1.23 22.85 -18.31
CA LEU A 197 1.84 21.52 -18.37
C LEU A 197 3.29 21.62 -17.92
N TYR A 198 3.66 20.76 -16.97
CA TYR A 198 5.03 20.67 -16.49
C TYR A 198 5.63 19.32 -16.88
N HIS A 199 6.90 19.35 -17.30
CA HIS A 199 7.59 18.14 -17.73
C HIS A 199 8.43 17.59 -16.58
N SER A 200 7.94 16.48 -16.03
CA SER A 200 8.36 15.98 -14.73
C SER A 200 9.27 14.75 -14.76
N THR A 201 9.54 14.22 -15.95
CA THR A 201 10.28 12.96 -16.06
C THR A 201 11.69 13.08 -15.48
N GLY A 202 12.05 12.12 -14.64
CA GLY A 202 13.40 12.04 -14.09
C GLY A 202 13.58 12.77 -12.76
N LEU A 203 12.60 13.57 -12.38
CA LEU A 203 12.60 14.27 -11.10
C LEU A 203 11.68 13.58 -10.09
N ASP A 204 10.94 12.59 -10.57
CA ASP A 204 10.02 11.83 -9.72
C ASP A 204 9.40 10.68 -10.56
N ASP A 205 8.34 10.07 -10.07
CA ASP A 205 7.77 8.88 -10.70
C ASP A 205 6.65 9.19 -11.71
N VAL A 206 6.67 10.38 -12.30
CA VAL A 206 5.71 10.74 -13.35
C VAL A 206 6.35 11.49 -14.50
N ASP A 207 5.65 11.52 -15.63
CA ASP A 207 6.17 12.14 -16.84
C ASP A 207 5.69 13.57 -17.01
N PHE A 208 4.46 13.82 -16.58
CA PHE A 208 3.88 15.15 -16.69
C PHE A 208 3.11 15.49 -15.43
N ILE A 209 3.03 16.78 -15.15
CA ILE A 209 2.18 17.29 -14.10
C ILE A 209 1.27 18.26 -14.83
N THR A 210 -0.03 18.01 -14.78
CA THR A 210 -1.01 18.88 -15.42
C THR A 210 -1.70 19.69 -14.35
N TYR A 211 -1.98 20.95 -14.67
CA TYR A 211 -2.57 21.88 -13.73
C TYR A 211 -3.66 22.69 -14.41
N PHE A 212 -4.81 22.79 -13.77
CA PHE A 212 -5.96 23.45 -14.39
C PHE A 212 -6.70 24.31 -13.37
N GLU A 213 -7.07 25.52 -13.81
CA GLU A 213 -7.92 26.40 -13.02
C GLU A 213 -9.27 26.55 -13.70
N THR A 214 -10.34 26.56 -12.92
CA THR A 214 -11.68 26.72 -13.46
C THR A 214 -12.70 27.18 -12.42
N GLU A 215 -13.71 27.90 -12.89
CA GLU A 215 -14.82 28.31 -12.04
C GLU A 215 -15.96 27.29 -12.16
N ARG A 216 -15.95 26.51 -13.24
CA ARG A 216 -16.98 25.52 -13.49
C ARG A 216 -16.36 24.14 -13.54
N LEU A 217 -16.56 23.34 -12.49
CA LEU A 217 -15.98 22.00 -12.46
C LEU A 217 -16.71 21.06 -13.39
N GLU A 218 -18.01 21.27 -13.56
CA GLU A 218 -18.80 20.43 -14.45
C GLU A 218 -18.25 20.57 -15.88
N ASP A 219 -17.72 21.74 -16.20
CA ASP A 219 -17.03 21.93 -17.47
C ASP A 219 -15.77 21.08 -17.48
N PHE A 220 -14.99 21.14 -16.40
CA PHE A 220 -13.74 20.39 -16.32
C PHE A 220 -14.01 18.89 -16.36
N HIS A 221 -15.10 18.49 -15.73
CA HIS A 221 -15.52 17.09 -15.75
C HIS A 221 -15.77 16.65 -17.18
N ASN A 222 -16.54 17.46 -17.92
CA ASN A 222 -16.83 17.17 -19.32
C ASN A 222 -15.58 17.18 -20.16
N LEU A 223 -14.64 18.07 -19.86
CA LEU A 223 -13.37 18.12 -20.57
C LEU A 223 -12.61 16.81 -20.42
N VAL A 224 -12.71 16.18 -19.25
CA VAL A 224 -11.91 14.98 -19.01
C VAL A 224 -12.61 13.76 -19.59
N ARG A 225 -13.94 13.73 -19.54
CA ARG A 225 -14.69 12.65 -20.15
C ARG A 225 -14.47 12.68 -21.66
N ALA A 226 -14.38 13.89 -22.21
CA ALA A 226 -14.11 14.06 -23.64
C ALA A 226 -12.74 13.47 -24.00
N LEU A 227 -11.73 13.81 -23.22
CA LEU A 227 -10.36 13.35 -23.48
C LEU A 227 -10.20 11.86 -23.26
N GLN A 228 -11.12 11.26 -22.51
CA GLN A 228 -11.04 9.85 -22.18
C GLN A 228 -11.32 8.98 -23.41
N GLN A 229 -11.89 9.59 -24.44
CA GLN A 229 -12.38 8.86 -25.60
C GLN A 229 -11.43 8.90 -26.80
N VAL A 230 -10.38 9.72 -26.74
CA VAL A 230 -9.38 9.76 -27.80
C VAL A 230 -8.45 8.55 -27.70
N LYS A 231 -7.53 8.43 -28.66
CA LYS A 231 -6.62 7.30 -28.69
C LYS A 231 -5.55 7.45 -27.61
N GLU A 232 -4.93 8.62 -27.58
CA GLU A 232 -3.84 8.94 -26.65
C GLU A 232 -4.08 8.41 -25.25
N PHE A 233 -5.32 8.51 -24.79
CA PHE A 233 -5.65 8.29 -23.39
C PHE A 233 -5.23 6.91 -22.87
N ARG A 234 -5.40 5.87 -23.68
CA ARG A 234 -5.13 4.52 -23.21
C ARG A 234 -3.64 4.32 -22.93
N HIS A 235 -2.82 5.30 -23.35
CA HIS A 235 -1.38 5.24 -23.10
C HIS A 235 -0.99 5.88 -21.78
N ASN A 236 -1.97 6.37 -21.03
CA ASN A 236 -1.71 6.92 -19.70
C ASN A 236 -1.70 5.81 -18.66
N ARG A 237 -0.53 5.22 -18.43
CA ARG A 237 -0.39 4.11 -17.48
C ARG A 237 -0.81 4.52 -16.08
N ARG A 238 -0.49 5.76 -15.72
CA ARG A 238 -0.90 6.32 -14.45
C ARG A 238 -1.63 7.61 -14.75
N PHE A 239 -2.87 7.69 -14.29
CA PHE A 239 -3.70 8.88 -14.49
C PHE A 239 -4.36 9.27 -13.19
N GLY A 240 -3.86 10.35 -12.59
CA GLY A 240 -4.28 10.76 -11.26
C GLY A 240 -3.43 10.04 -10.22
N HIS A 241 -4.06 9.68 -9.11
CA HIS A 241 -3.36 8.96 -8.04
C HIS A 241 -2.15 9.74 -7.56
N PRO A 242 -2.38 10.87 -6.87
CA PRO A 242 -3.70 11.41 -6.52
C PRO A 242 -4.20 12.43 -7.54
N THR A 243 -5.52 12.61 -7.60
CA THR A 243 -6.12 13.72 -8.33
C THR A 243 -6.43 14.82 -7.32
N LEU A 244 -5.59 15.84 -7.28
CA LEU A 244 -5.70 16.88 -6.26
C LEU A 244 -6.70 17.94 -6.66
N LEU A 245 -7.79 18.05 -5.91
CA LEU A 245 -8.79 19.09 -6.13
C LEU A 245 -8.80 20.11 -4.99
N GLY A 246 -8.75 21.39 -5.32
CA GLY A 246 -8.78 22.43 -4.32
C GLY A 246 -9.27 23.76 -4.84
N THR A 247 -9.45 24.71 -3.92
CA THR A 247 -9.80 26.09 -4.26
C THR A 247 -8.58 26.98 -4.11
N MET A 248 -8.35 27.84 -5.10
CA MET A 248 -7.20 28.73 -5.08
C MET A 248 -7.50 29.93 -4.18
N SER A 249 -6.53 30.31 -3.33
CA SER A 249 -6.75 31.40 -2.39
C SER A 249 -5.44 31.94 -1.82
N PRO A 250 -5.44 33.22 -1.38
CA PRO A 250 -4.27 33.82 -0.72
C PRO A 250 -3.92 33.11 0.58
N LEU A 251 -2.63 33.03 0.87
CA LEU A 251 -2.11 32.21 1.96
C LEU A 251 -2.73 32.59 3.30
N ASP A 252 -3.02 33.87 3.48
CA ASP A 252 -3.55 34.40 4.73
C ASP A 252 -4.87 33.75 5.11
N GLU A 253 -5.80 33.72 4.17
CA GLU A 253 -7.14 33.23 4.42
C GLU A 253 -7.17 31.74 4.78
N ILE A 254 -6.19 30.98 4.29
CA ILE A 254 -6.13 29.55 4.53
C ILE A 254 -5.65 29.29 5.95
N LEU A 255 -4.55 29.94 6.31
CA LEU A 255 -3.95 29.79 7.62
C LEU A 255 -4.88 30.33 8.69
N GLU A 256 -5.69 31.33 8.32
CA GLU A 256 -6.68 31.89 9.23
C GLU A 256 -7.57 30.80 9.82
N LYS A 257 -7.95 29.82 9.01
CA LYS A 257 -8.77 28.72 9.51
C LYS A 257 -7.99 27.94 10.53
N PHE A 258 -6.67 28.04 10.44
CA PHE A 258 -5.81 27.35 11.41
C PHE A 258 -5.50 28.29 12.58
N ALA A 259 -6.28 29.37 12.67
CA ALA A 259 -6.23 30.27 13.83
C ALA A 259 -7.59 30.31 14.52
N GLN A 260 -8.01 29.19 15.13
CA GLN A 260 -9.27 29.12 15.85
C GLN A 260 -9.02 29.16 17.35
N MET B 22 23.75 -35.66 23.37
CA MET B 22 23.00 -35.08 24.53
C MET B 22 21.61 -34.63 24.08
N ALA B 23 21.57 -33.68 23.15
CA ALA B 23 20.30 -33.18 22.61
C ALA B 23 20.32 -33.24 21.09
N ASP B 24 19.36 -33.97 20.52
CA ASP B 24 19.24 -34.08 19.05
C ASP B 24 18.57 -32.87 18.43
N ARG B 25 19.09 -31.69 18.76
CA ARG B 25 18.59 -30.43 18.23
C ARG B 25 18.68 -30.42 16.71
N GLU B 26 19.71 -31.06 16.17
CA GLU B 26 19.97 -31.05 14.74
C GLU B 26 18.82 -31.66 13.94
N LYS B 27 18.05 -32.55 14.55
CA LYS B 27 16.91 -33.17 13.87
C LYS B 27 15.93 -32.13 13.33
N LEU B 28 15.59 -31.14 14.15
CA LEU B 28 14.60 -30.15 13.73
C LEU B 28 15.13 -29.34 12.56
N LEU B 29 16.43 -29.08 12.58
CA LEU B 29 17.04 -28.21 11.59
C LEU B 29 17.15 -28.89 10.23
N THR B 30 17.02 -30.21 10.19
CA THR B 30 17.26 -30.99 8.97
C THR B 30 16.19 -32.03 8.62
N GLU B 31 15.42 -32.48 9.61
CA GLU B 31 14.41 -33.52 9.39
C GLU B 31 13.20 -32.97 8.66
N SER B 32 12.37 -33.88 8.13
CA SER B 32 11.14 -33.50 7.44
C SER B 32 9.94 -33.61 8.36
N GLY B 33 8.89 -32.86 8.05
CA GLY B 33 7.68 -32.83 8.87
C GLY B 33 7.78 -31.75 9.93
N VAL B 34 8.92 -31.08 9.95
CA VAL B 34 9.21 -30.03 10.91
C VAL B 34 8.75 -28.69 10.39
N TYR B 35 7.79 -28.06 11.08
CA TYR B 35 7.37 -26.72 10.71
C TYR B 35 8.50 -25.74 10.99
N GLY B 36 8.67 -24.77 10.09
CA GLY B 36 9.67 -23.73 10.24
C GLY B 36 8.99 -22.38 10.14
N THR B 37 9.30 -21.49 11.07
CA THR B 37 8.63 -20.20 11.13
C THR B 37 9.62 -19.05 11.15
N PHE B 38 9.32 -18.05 10.32
CA PHE B 38 10.14 -16.86 10.20
C PHE B 38 9.31 -15.69 10.71
N ALA B 39 9.74 -15.13 11.84
CA ALA B 39 9.03 -14.01 12.46
C ALA B 39 10.00 -12.86 12.56
N THR B 40 9.58 -11.70 12.06
CA THR B 40 10.41 -10.50 12.12
C THR B 40 9.75 -9.54 13.08
N PHE B 41 10.56 -8.71 13.72
CA PHE B 41 10.07 -7.72 14.65
C PHE B 41 10.85 -6.43 14.44
N GLN B 42 10.22 -5.33 14.81
CA GLN B 42 10.83 -4.01 14.72
C GLN B 42 10.66 -3.34 16.10
N MET B 43 11.72 -2.68 16.54
CA MET B 43 11.72 -2.08 17.87
C MET B 43 11.10 -0.68 17.86
N ASP B 44 10.20 -0.43 18.81
CA ASP B 44 9.58 0.90 18.93
C ASP B 44 10.64 1.94 19.28
N HIS B 45 10.30 3.21 19.08
CA HIS B 45 11.21 4.28 19.42
C HIS B 45 11.33 4.36 20.93
N ASP B 46 10.22 4.18 21.63
CA ASP B 46 10.16 4.35 23.09
C ASP B 46 10.94 3.31 23.90
N TRP B 47 11.53 2.34 23.22
CA TRP B 47 12.31 1.31 23.92
C TRP B 47 13.53 1.89 24.62
N TRP B 48 14.04 2.99 24.09
CA TRP B 48 15.21 3.65 24.67
C TRP B 48 14.84 4.66 25.76
N ASP B 49 13.54 4.89 25.94
CA ASP B 49 13.08 5.68 27.08
C ASP B 49 13.29 4.87 28.35
N LEU B 50 13.45 3.57 28.20
CA LEU B 50 13.76 2.69 29.33
C LEU B 50 15.22 2.89 29.72
N PRO B 51 15.51 2.87 31.03
CA PRO B 51 16.92 3.03 31.43
C PRO B 51 17.79 1.88 30.95
N GLY B 52 19.05 2.18 30.69
CA GLY B 52 20.00 1.20 30.20
C GLY B 52 19.98 -0.09 30.99
N GLU B 53 19.90 0.03 32.32
CA GLU B 53 19.90 -1.15 33.18
C GLU B 53 18.64 -1.99 32.94
N SER B 54 17.49 -1.33 32.91
CA SER B 54 16.20 -2.01 32.69
C SER B 54 16.20 -2.81 31.39
N ARG B 55 16.93 -2.32 30.40
CA ARG B 55 17.02 -2.98 29.11
C ARG B 55 17.85 -4.26 29.19
N VAL B 56 18.93 -4.24 29.96
CA VAL B 56 19.77 -5.42 30.09
C VAL B 56 19.03 -6.52 30.84
N ILE B 57 18.19 -6.11 31.79
CA ILE B 57 17.38 -7.08 32.52
C ILE B 57 16.42 -7.75 31.55
N SER B 58 15.85 -6.96 30.66
CA SER B 58 14.90 -7.46 29.67
C SER B 58 15.54 -8.55 28.80
N VAL B 59 16.80 -8.35 28.43
CA VAL B 59 17.53 -9.34 27.63
C VAL B 59 17.56 -10.69 28.35
N ALA B 60 17.82 -10.65 29.65
CA ALA B 60 17.93 -11.87 30.44
C ALA B 60 16.60 -12.59 30.49
N GLU B 61 15.52 -11.82 30.60
CA GLU B 61 14.17 -12.37 30.63
C GLU B 61 13.98 -13.26 29.42
N VAL B 62 14.32 -12.72 28.25
CA VAL B 62 14.16 -13.43 26.97
C VAL B 62 15.10 -14.63 26.87
N LYS B 63 16.38 -14.43 27.15
CA LYS B 63 17.36 -15.51 27.09
C LYS B 63 16.91 -16.72 27.88
N GLY B 64 16.27 -16.46 29.02
CA GLY B 64 15.76 -17.52 29.87
C GLY B 64 14.59 -18.21 29.22
N LEU B 65 13.67 -17.42 28.67
CA LEU B 65 12.48 -17.97 28.01
C LEU B 65 12.84 -18.92 26.88
N VAL B 66 13.84 -18.55 26.08
CA VAL B 66 14.28 -19.39 24.97
C VAL B 66 14.82 -20.68 25.55
N GLU B 67 15.62 -20.56 26.61
CA GLU B 67 16.18 -21.73 27.26
C GLU B 67 15.08 -22.60 27.88
N GLN B 68 14.01 -21.96 28.36
CA GLN B 68 12.90 -22.70 28.93
C GLN B 68 12.24 -23.57 27.87
N TRP B 69 12.28 -23.09 26.63
CA TRP B 69 11.65 -23.74 25.48
C TRP B 69 12.61 -24.65 24.71
N SER B 70 13.90 -24.58 25.05
CA SER B 70 14.94 -25.31 24.32
C SER B 70 14.63 -26.81 24.20
N GLY B 71 13.69 -27.30 25.00
CA GLY B 71 13.26 -28.68 24.91
C GLY B 71 12.33 -28.89 23.72
N LYS B 72 11.33 -28.03 23.59
CA LYS B 72 10.27 -28.21 22.59
C LYS B 72 10.58 -27.67 21.19
N ILE B 73 11.34 -26.60 21.08
CA ILE B 73 11.59 -25.96 19.79
C ILE B 73 13.04 -25.53 19.65
N LEU B 74 13.44 -25.26 18.41
CA LEU B 74 14.75 -24.70 18.12
C LEU B 74 14.55 -23.26 17.68
N VAL B 75 15.40 -22.36 18.17
CA VAL B 75 15.27 -20.94 17.87
C VAL B 75 16.63 -20.38 17.50
N GLU B 76 16.66 -19.66 16.37
CA GLU B 76 17.89 -19.06 15.87
C GLU B 76 17.60 -17.59 15.59
N SER B 77 18.62 -16.75 15.67
CA SER B 77 18.42 -15.31 15.65
C SER B 77 19.19 -14.65 14.53
N TYR B 78 18.63 -13.56 14.01
CA TYR B 78 19.23 -12.84 12.90
C TYR B 78 19.05 -11.35 13.13
N LEU B 79 20.13 -10.60 12.94
CA LEU B 79 20.07 -9.14 13.04
C LEU B 79 19.75 -8.55 11.67
N LEU B 80 18.50 -8.12 11.51
CA LEU B 80 18.05 -7.50 10.26
C LEU B 80 18.23 -5.98 10.23
N ARG B 81 18.43 -5.38 11.41
CA ARG B 81 18.56 -3.92 11.54
C ARG B 81 19.72 -3.39 10.70
N GLY B 82 19.42 -2.50 9.77
CA GLY B 82 20.45 -1.89 8.94
C GLY B 82 20.77 -2.64 7.65
N LEU B 83 20.09 -3.74 7.41
CA LEU B 83 20.22 -4.48 6.14
C LEU B 83 18.86 -4.70 5.51
N SER B 84 17.84 -4.87 6.35
CA SER B 84 16.48 -5.04 5.89
C SER B 84 15.62 -3.88 6.39
N ASP B 85 14.87 -3.28 5.48
CA ASP B 85 14.00 -2.17 5.81
C ASP B 85 12.88 -2.62 6.75
N HIS B 86 12.51 -1.74 7.68
CA HIS B 86 11.43 -1.99 8.64
C HIS B 86 11.51 -3.35 9.36
N ALA B 87 12.73 -3.73 9.74
CA ALA B 87 12.91 -4.95 10.52
C ALA B 87 14.27 -4.95 11.22
N ASP B 88 14.28 -5.32 12.49
CA ASP B 88 15.49 -5.30 13.31
C ASP B 88 15.94 -6.70 13.67
N LEU B 89 14.96 -7.55 13.96
CA LEU B 89 15.25 -8.86 14.53
C LEU B 89 14.39 -9.90 13.83
N MET B 90 14.97 -11.08 13.58
CA MET B 90 14.21 -12.19 13.04
C MET B 90 14.54 -13.50 13.74
N PHE B 91 13.51 -14.28 14.01
CA PHE B 91 13.66 -15.63 14.55
C PHE B 91 13.29 -16.66 13.49
N ARG B 92 14.12 -17.69 13.36
CA ARG B 92 13.77 -18.87 12.60
C ARG B 92 13.49 -19.97 13.61
N VAL B 93 12.21 -20.32 13.73
CA VAL B 93 11.76 -21.25 14.76
C VAL B 93 11.35 -22.58 14.15
N HIS B 94 12.02 -23.65 14.56
CA HIS B 94 11.64 -24.99 14.16
C HIS B 94 10.80 -25.62 15.27
N ALA B 95 9.73 -26.30 14.88
CA ALA B 95 8.83 -26.94 15.84
C ALA B 95 8.02 -28.00 15.12
N ARG B 96 7.69 -29.07 15.84
CA ARG B 96 6.97 -30.18 15.24
C ARG B 96 5.47 -29.91 15.19
N THR B 97 5.03 -28.82 15.80
CA THR B 97 3.67 -28.35 15.63
C THR B 97 3.68 -26.83 15.78
N LEU B 98 2.81 -26.13 15.04
CA LEU B 98 2.83 -24.67 15.05
C LEU B 98 2.20 -24.05 16.29
N SER B 99 1.34 -24.80 16.97
CA SER B 99 0.75 -24.32 18.22
C SER B 99 1.91 -23.98 19.15
N ASP B 100 2.90 -24.87 19.22
CA ASP B 100 4.08 -24.63 20.04
C ASP B 100 4.79 -23.33 19.62
N THR B 101 4.99 -23.15 18.33
CA THR B 101 5.63 -21.93 17.85
C THR B 101 4.78 -20.73 18.23
N GLN B 102 3.46 -20.89 18.18
CA GLN B 102 2.55 -19.81 18.51
C GLN B 102 2.74 -19.43 19.97
N GLN B 103 2.71 -20.43 20.86
CA GLN B 103 2.85 -20.18 22.30
C GLN B 103 4.16 -19.47 22.61
N PHE B 104 5.26 -19.96 22.03
CA PHE B 104 6.56 -19.33 22.25
C PHE B 104 6.59 -17.90 21.73
N LEU B 105 6.11 -17.69 20.52
CA LEU B 105 6.17 -16.36 19.92
C LEU B 105 5.25 -15.41 20.68
N SER B 106 4.14 -15.93 21.20
CA SER B 106 3.20 -15.12 21.96
C SER B 106 3.84 -14.74 23.29
N ALA B 107 4.53 -15.71 23.88
CA ALA B 107 5.26 -15.50 25.13
C ALA B 107 6.37 -14.48 24.91
N PHE B 108 7.14 -14.68 23.85
CA PHE B 108 8.22 -13.76 23.52
C PHE B 108 7.70 -12.34 23.44
N MET B 109 6.58 -12.17 22.76
CA MET B 109 6.01 -10.84 22.58
C MET B 109 5.48 -10.31 23.92
N GLY B 110 5.40 -11.20 24.91
CA GLY B 110 4.97 -10.86 26.25
C GLY B 110 6.06 -10.30 27.15
N THR B 111 7.31 -10.73 26.94
CA THR B 111 8.42 -10.23 27.74
C THR B 111 8.48 -8.71 27.64
N ARG B 112 9.20 -8.07 28.55
CA ARG B 112 9.25 -6.61 28.59
C ARG B 112 9.73 -6.08 27.25
N LEU B 113 10.71 -6.78 26.70
CA LEU B 113 11.27 -6.46 25.41
C LEU B 113 10.24 -6.66 24.31
N GLY B 114 9.55 -7.79 24.35
CA GLY B 114 8.52 -8.11 23.38
C GLY B 114 7.40 -7.07 23.34
N ARG B 115 7.15 -6.43 24.46
CA ARG B 115 6.09 -5.44 24.56
C ARG B 115 6.44 -4.17 23.82
N HIS B 116 7.70 -4.03 23.44
CA HIS B 116 8.17 -2.87 22.70
C HIS B 116 8.56 -3.27 21.26
N LEU B 117 8.00 -4.37 20.80
CA LEU B 117 8.25 -4.89 19.46
C LEU B 117 6.99 -4.90 18.61
N THR B 118 7.07 -4.25 17.45
CA THR B 118 6.03 -4.35 16.43
C THR B 118 6.26 -5.60 15.58
N SER B 119 5.27 -6.50 15.54
CA SER B 119 5.39 -7.72 14.77
C SER B 119 5.50 -7.39 13.28
N GLY B 120 6.58 -7.85 12.65
CA GLY B 120 6.78 -7.63 11.22
C GLY B 120 6.16 -8.73 10.38
N GLY B 121 6.88 -9.15 9.35
CA GLY B 121 6.41 -10.23 8.53
C GLY B 121 6.44 -11.51 9.33
N LEU B 122 5.52 -12.43 9.01
CA LEU B 122 5.44 -13.72 9.69
C LEU B 122 5.05 -14.82 8.69
N LEU B 123 5.95 -15.78 8.49
CA LEU B 123 5.73 -16.84 7.49
C LEU B 123 6.02 -18.25 8.02
N HIS B 124 5.15 -19.21 7.68
CA HIS B 124 5.31 -20.60 8.09
C HIS B 124 5.46 -21.56 6.90
N GLY B 125 6.11 -22.69 7.13
CA GLY B 125 6.26 -23.72 6.10
C GLY B 125 6.86 -25.03 6.58
N VAL B 126 6.33 -26.15 6.10
CA VAL B 126 6.87 -27.47 6.43
C VAL B 126 8.10 -27.79 5.61
N SER B 127 9.10 -28.42 6.24
CA SER B 127 10.23 -28.94 5.51
C SER B 127 9.88 -30.37 5.14
N LYS B 128 10.04 -30.71 3.87
CA LYS B 128 9.58 -31.98 3.33
C LYS B 128 10.67 -32.67 2.55
N LYS B 129 10.49 -33.97 2.30
CA LYS B 129 11.42 -34.73 1.48
C LYS B 129 11.21 -34.34 0.02
N PRO B 130 12.29 -34.26 -0.76
CA PRO B 130 12.25 -33.80 -2.15
C PRO B 130 11.18 -34.46 -3.02
N THR B 131 10.60 -33.68 -3.93
CA THR B 131 9.51 -34.14 -4.79
C THR B 131 10.01 -34.42 -6.21
N TYR B 132 11.04 -33.70 -6.65
CA TYR B 132 11.49 -33.77 -8.03
C TYR B 132 12.89 -34.35 -8.20
N VAL B 133 13.65 -34.43 -7.11
CA VAL B 133 15.07 -34.82 -7.21
C VAL B 133 15.24 -36.24 -7.71
N ALA B 134 14.26 -37.09 -7.44
CA ALA B 134 14.34 -38.51 -7.82
C ALA B 134 14.44 -38.69 -9.33
N GLY B 135 13.79 -37.79 -10.08
CA GLY B 135 13.77 -37.89 -11.53
C GLY B 135 14.95 -37.24 -12.23
N PHE B 136 15.97 -36.87 -11.45
CA PHE B 136 17.15 -36.24 -12.02
C PHE B 136 18.19 -37.31 -12.36
N PRO B 137 19.16 -36.96 -13.22
CA PRO B 137 20.31 -37.85 -13.47
C PRO B 137 21.07 -38.18 -12.18
N GLU B 138 21.63 -39.39 -12.11
CA GLU B 138 22.30 -39.86 -10.91
C GLU B 138 23.49 -39.00 -10.48
N SER B 139 24.16 -38.39 -11.45
CA SER B 139 25.30 -37.53 -11.13
C SER B 139 24.83 -36.27 -10.40
N MET B 140 23.60 -35.87 -10.69
CA MET B 140 23.04 -34.68 -10.08
C MET B 140 22.61 -34.96 -8.64
N LYS B 141 22.02 -36.13 -8.41
CA LYS B 141 21.64 -36.54 -7.07
C LYS B 141 22.86 -36.57 -6.15
N THR B 142 23.98 -37.00 -6.69
CA THR B 142 25.22 -37.12 -5.94
C THR B 142 25.67 -35.75 -5.43
N GLU B 143 25.73 -34.78 -6.34
CA GLU B 143 26.22 -33.45 -6.01
C GLU B 143 25.31 -32.74 -5.01
N LEU B 144 24.02 -33.04 -5.03
CA LEU B 144 23.07 -32.36 -4.15
C LEU B 144 23.24 -32.76 -2.68
N GLN B 145 24.06 -33.77 -2.40
CA GLN B 145 24.33 -34.17 -1.03
C GLN B 145 25.07 -33.09 -0.24
N VAL B 146 25.96 -32.36 -0.91
CA VAL B 146 26.63 -31.24 -0.26
C VAL B 146 25.61 -30.12 -0.22
N ASN B 147 25.49 -29.45 0.93
CA ASN B 147 24.49 -28.41 1.10
C ASN B 147 25.10 -27.03 1.31
N GLY B 148 26.09 -26.92 2.18
CA GLY B 148 26.69 -25.64 2.48
C GLY B 148 28.12 -25.74 2.97
N GLU B 149 28.63 -24.63 3.49
CA GLU B 149 30.00 -24.54 3.95
C GLU B 149 30.06 -24.67 5.46
N SER B 150 31.27 -24.65 6.01
CA SER B 150 31.48 -24.57 7.44
C SER B 150 31.80 -23.12 7.78
N GLY B 151 30.78 -22.38 8.22
CA GLY B 151 30.92 -20.96 8.49
C GLY B 151 30.16 -20.53 9.72
N SER B 152 30.73 -19.55 10.42
CA SER B 152 30.11 -18.98 11.61
C SER B 152 29.76 -17.52 11.35
N ARG B 153 28.64 -17.10 11.90
CA ARG B 153 28.09 -15.77 11.67
C ARG B 153 28.01 -15.45 10.18
N PRO B 154 27.36 -16.34 9.40
CA PRO B 154 27.20 -16.11 7.97
C PRO B 154 26.05 -15.15 7.74
N TYR B 155 26.02 -14.50 6.58
CA TYR B 155 24.83 -13.77 6.16
C TYR B 155 23.70 -14.78 6.01
N ALA B 156 22.47 -14.30 6.11
CA ALA B 156 21.31 -15.14 5.91
C ALA B 156 20.32 -14.38 5.04
N ILE B 157 19.69 -15.09 4.11
CA ILE B 157 18.72 -14.47 3.21
C ILE B 157 17.44 -15.30 3.18
N VAL B 158 16.30 -14.60 3.19
CA VAL B 158 15.00 -15.25 3.09
C VAL B 158 14.21 -14.61 1.96
N ILE B 159 13.73 -15.45 1.05
CA ILE B 159 12.98 -14.99 -0.12
C ILE B 159 11.69 -15.80 -0.19
N PRO B 160 10.55 -15.15 0.11
CA PRO B 160 9.28 -15.85 -0.08
C PRO B 160 8.97 -15.93 -1.56
N ILE B 161 8.25 -16.98 -1.97
CA ILE B 161 7.96 -17.20 -3.38
C ILE B 161 6.53 -17.71 -3.59
N LYS B 162 5.84 -17.15 -4.57
CA LYS B 162 4.55 -17.68 -5.01
C LYS B 162 4.59 -18.01 -6.49
N LYS B 163 4.27 -19.25 -6.83
CA LYS B 163 4.21 -19.66 -8.23
C LYS B 163 2.89 -19.22 -8.86
N ASP B 164 2.90 -18.96 -10.17
CA ASP B 164 1.66 -18.61 -10.87
C ASP B 164 0.79 -19.84 -11.16
N ALA B 165 -0.43 -19.59 -11.64
CA ALA B 165 -1.36 -20.66 -11.93
C ALA B 165 -0.80 -21.60 -13.00
N GLU B 166 -0.04 -21.04 -13.94
CA GLU B 166 0.59 -21.82 -14.99
C GLU B 166 1.42 -22.95 -14.40
N PHE B 167 2.25 -22.62 -13.42
CA PHE B 167 3.18 -23.57 -12.82
C PHE B 167 2.46 -24.80 -12.28
N TRP B 168 1.30 -24.59 -11.67
CA TRP B 168 0.57 -25.69 -11.04
C TRP B 168 -0.18 -26.52 -12.06
N ALA B 169 -0.52 -25.91 -13.20
CA ALA B 169 -1.26 -26.60 -14.26
C ALA B 169 -0.38 -27.64 -14.94
N LEU B 170 0.92 -27.41 -14.95
CA LEU B 170 1.87 -28.36 -15.52
C LEU B 170 1.80 -29.74 -14.86
N ASP B 171 2.25 -30.75 -15.61
CA ASP B 171 2.30 -32.11 -15.10
C ASP B 171 3.63 -32.33 -14.40
N GLN B 172 3.74 -33.43 -13.67
CA GLN B 172 4.90 -33.71 -12.84
C GLN B 172 6.17 -33.75 -13.68
N GLU B 173 6.08 -34.36 -14.85
CA GLU B 173 7.24 -34.50 -15.73
C GLU B 173 7.74 -33.13 -16.16
N ALA B 174 6.80 -32.22 -16.44
CA ALA B 174 7.15 -30.91 -16.91
C ALA B 174 7.90 -30.16 -15.83
N ARG B 175 7.34 -30.20 -14.63
CA ARG B 175 7.91 -29.51 -13.48
C ARG B 175 9.25 -30.12 -13.13
N THR B 176 9.34 -31.45 -13.19
CA THR B 176 10.59 -32.15 -12.93
C THR B 176 11.68 -31.65 -13.88
N ALA B 177 11.28 -31.26 -15.08
CA ALA B 177 12.23 -30.77 -16.06
C ALA B 177 12.69 -29.37 -15.67
N LEU B 178 11.74 -28.52 -15.28
CA LEU B 178 12.06 -27.16 -14.89
C LEU B 178 13.00 -27.13 -13.70
N MET B 179 12.73 -27.99 -12.72
CA MET B 179 13.52 -28.01 -11.50
C MET B 179 14.91 -28.60 -11.77
N GLN B 180 15.01 -29.51 -12.74
CA GLN B 180 16.31 -30.05 -13.09
C GLN B 180 17.15 -28.95 -13.69
N GLU B 181 16.49 -28.05 -14.42
CA GLU B 181 17.18 -26.92 -15.04
C GLU B 181 17.58 -25.93 -13.96
N HIS B 182 16.70 -25.75 -12.98
CA HIS B 182 16.94 -24.91 -11.82
C HIS B 182 18.19 -25.38 -11.08
N THR B 183 18.21 -26.67 -10.73
CA THR B 183 19.34 -27.27 -10.03
C THR B 183 20.66 -27.11 -10.78
N GLN B 184 20.62 -27.39 -12.08
CA GLN B 184 21.81 -27.31 -12.92
C GLN B 184 22.42 -25.90 -12.83
N ALA B 185 21.55 -24.90 -12.85
CA ALA B 185 21.99 -23.50 -12.87
C ALA B 185 22.71 -23.14 -11.59
N ALA B 186 22.37 -23.84 -10.51
CA ALA B 186 22.83 -23.52 -9.17
C ALA B 186 24.09 -24.29 -8.78
N LEU B 187 24.43 -25.32 -9.55
CA LEU B 187 25.51 -26.21 -9.19
C LEU B 187 26.83 -25.52 -8.85
N PRO B 188 27.21 -24.45 -9.58
CA PRO B 188 28.48 -23.84 -9.21
C PRO B 188 28.52 -23.22 -7.80
N TYR B 189 27.37 -23.20 -7.10
CA TYR B 189 27.25 -22.52 -5.81
C TYR B 189 26.89 -23.42 -4.63
N LEU B 190 26.94 -24.74 -4.80
CA LEU B 190 26.49 -25.65 -3.73
C LEU B 190 27.27 -25.50 -2.44
N LYS B 191 28.52 -25.06 -2.54
CA LYS B 191 29.41 -24.98 -1.38
C LYS B 191 29.25 -23.67 -0.64
N THR B 192 29.20 -22.57 -1.38
CA THR B 192 29.27 -21.25 -0.79
C THR B 192 27.90 -20.76 -0.33
N VAL B 193 26.87 -21.59 -0.50
CA VAL B 193 25.51 -21.21 -0.13
C VAL B 193 24.71 -22.37 0.43
N LYS B 194 24.41 -22.33 1.73
CA LYS B 194 23.55 -23.33 2.35
C LYS B 194 22.12 -22.99 1.98
N ARG B 195 21.26 -23.99 1.90
CA ARG B 195 19.90 -23.78 1.44
C ARG B 195 18.93 -24.61 2.25
N LYS B 196 17.71 -24.11 2.38
CA LYS B 196 16.62 -24.91 2.94
C LYS B 196 15.31 -24.39 2.39
N LEU B 197 14.38 -25.30 2.15
CA LEU B 197 13.11 -24.96 1.51
C LEU B 197 11.95 -25.41 2.38
N TYR B 198 11.04 -24.48 2.63
CA TYR B 198 9.85 -24.75 3.43
C TYR B 198 8.61 -24.66 2.56
N HIS B 199 7.69 -25.60 2.75
CA HIS B 199 6.48 -25.66 1.95
C HIS B 199 5.36 -24.93 2.68
N SER B 200 5.01 -23.75 2.16
CA SER B 200 4.25 -22.76 2.89
C SER B 200 2.79 -22.60 2.45
N THR B 201 2.37 -23.31 1.40
CA THR B 201 1.02 -23.11 0.87
C THR B 201 -0.07 -23.44 1.89
N GLY B 202 -1.03 -22.53 2.04
CA GLY B 202 -2.17 -22.75 2.91
C GLY B 202 -1.99 -22.22 4.33
N LEU B 203 -0.75 -21.86 4.67
CA LEU B 203 -0.43 -21.27 5.97
C LEU B 203 -0.24 -19.76 5.88
N ASP B 204 -0.23 -19.23 4.66
CA ASP B 204 -0.07 -17.81 4.41
C ASP B 204 -0.19 -17.54 2.90
N ASP B 205 0.23 -16.34 2.46
CA ASP B 205 0.08 -15.92 1.06
C ASP B 205 1.28 -16.24 0.18
N VAL B 206 2.05 -17.27 0.54
CA VAL B 206 3.15 -17.72 -0.31
C VAL B 206 3.16 -19.24 -0.40
N ASP B 207 3.85 -19.76 -1.42
CA ASP B 207 3.89 -21.20 -1.65
C ASP B 207 5.13 -21.82 -1.02
N PHE B 208 6.23 -21.08 -1.05
CA PHE B 208 7.48 -21.59 -0.52
C PHE B 208 8.17 -20.49 0.25
N ILE B 209 8.97 -20.89 1.22
CA ILE B 209 9.87 -19.98 1.91
C ILE B 209 11.26 -20.57 1.70
N THR B 210 12.13 -19.78 1.08
CA THR B 210 13.50 -20.23 0.84
C THR B 210 14.40 -19.51 1.81
N TYR B 211 15.43 -20.21 2.27
CA TYR B 211 16.33 -19.70 3.29
C TYR B 211 17.75 -20.08 2.92
N PHE B 212 18.65 -19.12 2.98
CA PHE B 212 20.03 -19.31 2.54
C PHE B 212 21.04 -18.68 3.50
N GLU B 213 22.12 -19.41 3.76
CA GLU B 213 23.25 -18.87 4.50
C GLU B 213 24.43 -18.79 3.56
N THR B 214 25.21 -17.72 3.67
CA THR B 214 26.40 -17.58 2.83
C THR B 214 27.36 -16.59 3.46
N GLU B 215 28.65 -16.79 3.21
CA GLU B 215 29.68 -15.87 3.66
C GLU B 215 30.01 -14.87 2.56
N ARG B 216 29.68 -15.24 1.33
CA ARG B 216 29.94 -14.40 0.17
C ARG B 216 28.60 -14.06 -0.48
N LEU B 217 28.15 -12.83 -0.28
CA LEU B 217 26.89 -12.39 -0.83
C LEU B 217 27.06 -12.20 -2.33
N GLU B 218 28.26 -11.83 -2.73
CA GLU B 218 28.55 -11.61 -4.13
C GLU B 218 28.31 -12.90 -4.91
N ASP B 219 28.57 -14.06 -4.28
CA ASP B 219 28.21 -15.35 -4.88
C ASP B 219 26.70 -15.51 -4.94
N PHE B 220 26.03 -15.19 -3.83
CA PHE B 220 24.59 -15.37 -3.75
C PHE B 220 23.92 -14.49 -4.79
N HIS B 221 24.46 -13.30 -5.00
CA HIS B 221 23.96 -12.39 -6.02
C HIS B 221 24.03 -13.09 -7.37
N ASN B 222 25.19 -13.67 -7.65
CA ASN B 222 25.40 -14.41 -8.87
C ASN B 222 24.51 -15.65 -8.98
N LEU B 223 24.28 -16.32 -7.84
CA LEU B 223 23.41 -17.49 -7.83
C LEU B 223 22.02 -17.10 -8.28
N VAL B 224 21.59 -15.88 -7.97
CA VAL B 224 20.23 -15.47 -8.25
C VAL B 224 20.13 -14.98 -9.70
N ARG B 225 21.17 -14.35 -10.21
CA ARG B 225 21.19 -13.95 -11.61
C ARG B 225 21.13 -15.18 -12.50
N ALA B 226 21.82 -16.23 -12.07
CA ALA B 226 21.81 -17.49 -12.82
C ALA B 226 20.40 -18.07 -12.88
N LEU B 227 19.72 -18.11 -11.73
CA LEU B 227 18.39 -18.67 -11.67
C LEU B 227 17.37 -17.81 -12.41
N GLN B 228 17.70 -16.54 -12.60
CA GLN B 228 16.79 -15.61 -13.25
C GLN B 228 16.67 -15.91 -14.75
N GLN B 229 17.62 -16.68 -15.26
CA GLN B 229 17.74 -16.91 -16.69
C GLN B 229 17.16 -18.26 -17.15
N VAL B 230 16.82 -19.14 -16.22
CA VAL B 230 16.19 -20.41 -16.56
C VAL B 230 14.69 -20.21 -16.86
N LYS B 231 14.02 -21.29 -17.24
CA LYS B 231 12.61 -21.22 -17.61
C LYS B 231 11.74 -21.03 -16.37
N GLU B 232 11.96 -21.89 -15.37
CA GLU B 232 11.19 -21.90 -14.12
C GLU B 232 10.88 -20.51 -13.57
N PHE B 233 11.85 -19.60 -13.70
CA PHE B 233 11.80 -18.32 -13.04
C PHE B 233 10.55 -17.49 -13.34
N ARG B 234 10.13 -17.46 -14.61
CA ARG B 234 9.02 -16.59 -14.99
C ARG B 234 7.70 -17.01 -14.36
N HIS B 235 7.68 -18.20 -13.75
CA HIS B 235 6.47 -18.70 -13.11
C HIS B 235 6.34 -18.24 -11.66
N ASN B 236 7.32 -17.45 -11.21
CA ASN B 236 7.25 -16.87 -9.88
C ASN B 236 6.40 -15.61 -9.89
N ARG B 237 5.10 -15.77 -9.62
CA ARG B 237 4.17 -14.65 -9.59
C ARG B 237 4.65 -13.65 -8.55
N ARG B 238 5.14 -14.17 -7.43
CA ARG B 238 5.74 -13.35 -6.37
C ARG B 238 7.14 -13.88 -6.02
N PHE B 239 8.13 -12.99 -6.11
CA PHE B 239 9.51 -13.33 -5.81
C PHE B 239 10.16 -12.29 -4.90
N GLY B 240 10.35 -12.64 -3.64
CA GLY B 240 10.81 -11.69 -2.65
C GLY B 240 9.59 -10.94 -2.14
N HIS B 241 9.76 -9.65 -1.89
CA HIS B 241 8.67 -8.80 -1.41
C HIS B 241 8.08 -9.39 -0.13
N PRO B 242 8.84 -9.31 0.97
CA PRO B 242 10.18 -8.72 1.03
C PRO B 242 11.29 -9.75 0.84
N THR B 243 12.46 -9.26 0.42
CA THR B 243 13.68 -10.07 0.43
C THR B 243 14.47 -9.73 1.69
N LEU B 244 14.39 -10.60 2.68
CA LEU B 244 14.98 -10.36 4.00
C LEU B 244 16.44 -10.75 4.03
N LEU B 245 17.28 -9.74 4.24
CA LEU B 245 18.72 -9.93 4.35
C LEU B 245 19.17 -9.63 5.78
N GLY B 246 19.95 -10.54 6.37
CA GLY B 246 20.44 -10.36 7.72
C GLY B 246 21.73 -11.07 8.04
N THR B 247 22.25 -10.81 9.23
CA THR B 247 23.42 -11.51 9.75
C THR B 247 22.97 -12.50 10.80
N MET B 248 23.46 -13.72 10.73
CA MET B 248 23.13 -14.75 11.71
C MET B 248 24.01 -14.58 12.92
N SER B 249 23.43 -14.63 14.11
CA SER B 249 24.19 -14.45 15.34
C SER B 249 23.41 -14.93 16.57
N PRO B 250 24.14 -15.26 17.66
CA PRO B 250 23.49 -15.67 18.92
C PRO B 250 22.61 -14.58 19.49
N LEU B 251 21.54 -15.00 20.15
CA LEU B 251 20.49 -14.09 20.61
C LEU B 251 21.01 -13.01 21.55
N ASP B 252 22.01 -13.38 22.35
CA ASP B 252 22.58 -12.46 23.33
C ASP B 252 23.15 -11.22 22.66
N GLU B 253 23.96 -11.44 21.64
CA GLU B 253 24.66 -10.37 20.96
C GLU B 253 23.72 -9.41 20.25
N ILE B 254 22.55 -9.90 19.86
CA ILE B 254 21.56 -9.07 19.16
C ILE B 254 20.84 -8.20 20.17
N LEU B 255 20.33 -8.82 21.23
CA LEU B 255 19.61 -8.12 22.26
C LEU B 255 20.53 -7.15 23.00
N GLU B 256 21.80 -7.53 23.12
CA GLU B 256 22.82 -6.67 23.72
C GLU B 256 22.83 -5.30 23.06
N LYS B 257 22.65 -5.29 21.74
CA LYS B 257 22.69 -4.06 20.95
C LYS B 257 21.56 -3.10 21.30
N PHE B 258 20.49 -3.62 21.89
CA PHE B 258 19.35 -2.80 22.24
C PHE B 258 19.45 -2.25 23.65
N ALA B 259 20.62 -2.46 24.28
CA ALA B 259 20.87 -1.98 25.63
C ALA B 259 22.02 -0.99 25.69
N GLN B 260 22.01 0.04 24.85
CA GLN B 260 23.08 1.04 24.84
C GLN B 260 22.65 2.39 25.44
N ASP C 24 40.41 6.62 1.90
CA ASP C 24 40.52 6.01 0.57
C ASP C 24 39.20 6.12 -0.19
N ARG C 25 38.69 7.34 -0.30
CA ARG C 25 37.46 7.60 -1.05
C ARG C 25 37.71 7.13 -2.47
N GLU C 26 38.95 7.27 -2.90
CA GLU C 26 39.39 7.00 -4.26
C GLU C 26 39.05 5.56 -4.57
N LYS C 27 39.51 4.69 -3.67
CA LYS C 27 39.30 3.27 -3.79
C LYS C 27 37.82 2.87 -3.81
N LEU C 28 37.05 3.34 -2.84
CA LEU C 28 35.67 2.87 -2.69
C LEU C 28 34.73 3.31 -3.82
N LEU C 29 34.92 4.53 -4.32
CA LEU C 29 33.98 5.11 -5.27
C LEU C 29 34.04 4.53 -6.68
N THR C 30 35.10 3.77 -6.99
CA THR C 30 35.34 3.32 -8.36
C THR C 30 35.64 1.83 -8.52
N GLU C 31 36.10 1.19 -7.45
CA GLU C 31 36.49 -0.22 -7.51
C GLU C 31 35.33 -1.18 -7.55
N SER C 32 35.61 -2.43 -7.89
CA SER C 32 34.61 -3.49 -7.88
C SER C 32 34.72 -4.29 -6.59
N GLY C 33 33.63 -4.91 -6.18
CA GLY C 33 33.58 -5.65 -4.93
C GLY C 33 33.18 -4.76 -3.77
N VAL C 34 33.00 -3.47 -4.07
CA VAL C 34 32.60 -2.49 -3.07
C VAL C 34 31.09 -2.43 -3.00
N TYR C 35 30.53 -2.85 -1.87
CA TYR C 35 29.10 -2.76 -1.66
C TYR C 35 28.69 -1.31 -1.48
N GLY C 36 27.55 -0.94 -2.04
CA GLY C 36 27.02 0.41 -1.90
C GLY C 36 25.61 0.33 -1.34
N THR C 37 25.33 1.13 -0.33
CA THR C 37 24.05 1.09 0.36
C THR C 37 23.42 2.47 0.38
N PHE C 38 22.12 2.51 0.10
CA PHE C 38 21.35 3.75 0.11
C PHE C 38 20.26 3.66 1.18
N ALA C 39 20.39 4.49 2.21
CA ALA C 39 19.43 4.50 3.31
C ALA C 39 18.83 5.89 3.44
N THR C 40 17.50 5.96 3.43
CA THR C 40 16.80 7.23 3.56
C THR C 40 16.03 7.28 4.87
N PHE C 41 15.87 8.48 5.41
CA PHE C 41 15.18 8.69 6.67
C PHE C 41 14.28 9.92 6.65
N GLN C 42 13.27 9.88 7.51
CA GLN C 42 12.32 10.96 7.68
C GLN C 42 12.22 11.31 9.16
N MET C 43 12.17 12.60 9.48
CA MET C 43 12.16 13.04 10.87
C MET C 43 10.75 13.05 11.45
N ASP C 44 10.60 12.43 12.63
CA ASP C 44 9.32 12.44 13.35
C ASP C 44 8.95 13.83 13.79
N HIS C 45 7.68 14.04 14.11
CA HIS C 45 7.23 15.33 14.61
C HIS C 45 7.73 15.60 16.01
N ASP C 46 7.72 14.56 16.86
CA ASP C 46 8.05 14.74 18.27
C ASP C 46 9.51 15.13 18.46
N TRP C 47 10.27 15.18 17.37
CA TRP C 47 11.65 15.63 17.43
C TRP C 47 11.70 17.10 17.79
N TRP C 48 10.69 17.85 17.37
CA TRP C 48 10.66 19.27 17.66
C TRP C 48 9.99 19.53 19.00
N ASP C 49 9.39 18.48 19.57
CA ASP C 49 8.91 18.53 20.95
C ASP C 49 10.10 18.46 21.91
N LEU C 50 11.25 18.02 21.41
CA LEU C 50 12.47 18.03 22.21
C LEU C 50 13.00 19.46 22.28
N PRO C 51 13.53 19.85 23.45
CA PRO C 51 14.13 21.18 23.59
C PRO C 51 15.38 21.37 22.74
N GLY C 52 15.63 22.60 22.31
CA GLY C 52 16.74 22.92 21.44
C GLY C 52 18.04 22.32 21.92
N GLU C 53 18.27 22.36 23.22
CA GLU C 53 19.52 21.87 23.80
C GLU C 53 19.70 20.38 23.51
N SER C 54 18.65 19.61 23.77
CA SER C 54 18.69 18.16 23.55
C SER C 54 19.02 17.82 22.11
N ARG C 55 18.54 18.67 21.20
CA ARG C 55 18.70 18.51 19.77
C ARG C 55 20.13 18.79 19.30
N VAL C 56 20.78 19.79 19.89
CA VAL C 56 22.15 20.12 19.52
C VAL C 56 23.08 19.00 19.94
N ILE C 57 22.80 18.41 21.10
CA ILE C 57 23.59 17.30 21.61
C ILE C 57 23.43 16.12 20.66
N SER C 58 22.19 15.86 20.24
CA SER C 58 21.87 14.75 19.36
C SER C 58 22.63 14.84 18.04
N VAL C 59 22.65 16.04 17.45
CA VAL C 59 23.39 16.28 16.22
C VAL C 59 24.87 15.99 16.43
N ALA C 60 25.40 16.42 17.57
CA ALA C 60 26.80 16.24 17.89
C ALA C 60 27.15 14.76 17.98
N GLU C 61 26.25 13.99 18.58
CA GLU C 61 26.43 12.54 18.72
C GLU C 61 26.65 11.90 17.35
N VAL C 62 25.77 12.22 16.41
CA VAL C 62 25.80 11.61 15.08
C VAL C 62 27.05 11.99 14.32
N LYS C 63 27.36 13.28 14.24
CA LYS C 63 28.54 13.75 13.54
C LYS C 63 29.75 12.98 14.05
N GLY C 64 29.77 12.71 15.35
CA GLY C 64 30.86 11.99 15.96
C GLY C 64 30.89 10.54 15.52
N LEU C 65 29.73 9.90 15.54
CA LEU C 65 29.61 8.52 15.11
C LEU C 65 30.09 8.32 13.67
N VAL C 66 29.71 9.22 12.78
CA VAL C 66 30.11 9.12 11.38
C VAL C 66 31.63 9.27 11.28
N GLU C 67 32.17 10.23 12.02
CA GLU C 67 33.61 10.46 12.02
C GLU C 67 34.30 9.22 12.59
N GLN C 68 33.64 8.56 13.54
CA GLN C 68 34.16 7.35 14.16
C GLN C 68 34.33 6.21 13.16
N TRP C 69 33.48 6.17 12.14
CA TRP C 69 33.48 5.08 11.16
C TRP C 69 34.26 5.40 9.88
N SER C 70 34.65 6.66 9.71
CA SER C 70 35.29 7.11 8.48
C SER C 70 36.51 6.28 8.07
N GLY C 71 37.02 5.46 8.99
CA GLY C 71 38.14 4.59 8.69
C GLY C 71 37.73 3.39 7.84
N LYS C 72 36.67 2.71 8.26
CA LYS C 72 36.27 1.46 7.61
C LYS C 72 35.38 1.68 6.39
N ILE C 73 34.56 2.72 6.41
CA ILE C 73 33.57 2.94 5.35
C ILE C 73 33.51 4.40 4.90
N LEU C 74 32.87 4.62 3.76
CA LEU C 74 32.61 5.96 3.27
C LEU C 74 31.13 6.28 3.41
N VAL C 75 30.85 7.49 3.89
CA VAL C 75 29.47 7.93 4.11
C VAL C 75 29.30 9.32 3.54
N GLU C 76 28.28 9.49 2.71
CA GLU C 76 27.99 10.77 2.08
C GLU C 76 26.54 11.09 2.35
N SER C 77 26.20 12.37 2.35
CA SER C 77 24.91 12.81 2.84
C SER C 77 24.15 13.58 1.77
N TYR C 78 22.83 13.46 1.80
CA TYR C 78 21.96 14.09 0.83
C TYR C 78 20.73 14.65 1.52
N LEU C 79 20.39 15.89 1.17
CA LEU C 79 19.20 16.52 1.69
C LEU C 79 18.03 16.26 0.75
N LEU C 80 17.14 15.37 1.18
CA LEU C 80 15.95 15.03 0.42
C LEU C 80 14.79 15.92 0.84
N ARG C 81 14.94 16.58 1.98
CA ARG C 81 13.89 17.43 2.51
C ARG C 81 13.55 18.51 1.50
N GLY C 82 12.30 18.50 1.03
CA GLY C 82 11.83 19.50 0.09
C GLY C 82 12.03 19.16 -1.38
N LEU C 83 12.59 17.99 -1.67
CA LEU C 83 12.73 17.53 -3.06
C LEU C 83 12.15 16.14 -3.25
N SER C 84 12.26 15.30 -2.23
CA SER C 84 11.66 13.97 -2.25
C SER C 84 10.64 13.86 -1.14
N ASP C 85 9.46 13.36 -1.48
CA ASP C 85 8.37 13.20 -0.54
C ASP C 85 8.74 12.18 0.55
N HIS C 86 8.28 12.44 1.77
CA HIS C 86 8.53 11.55 2.89
C HIS C 86 9.99 11.13 3.04
N ALA C 87 10.88 12.11 2.90
CA ALA C 87 12.30 11.86 3.13
C ALA C 87 13.05 13.16 3.35
N ASP C 88 13.90 13.18 4.37
CA ASP C 88 14.65 14.37 4.75
C ASP C 88 16.14 14.17 4.48
N LEU C 89 16.62 12.96 4.73
CA LEU C 89 18.05 12.69 4.72
C LEU C 89 18.32 11.35 4.01
N MET C 90 19.43 11.28 3.28
CA MET C 90 19.88 10.03 2.66
C MET C 90 21.39 9.86 2.83
N PHE C 91 21.80 8.62 3.13
CA PHE C 91 23.21 8.25 3.18
C PHE C 91 23.56 7.34 2.01
N ARG C 92 24.68 7.63 1.34
CA ARG C 92 25.27 6.69 0.39
C ARG C 92 26.52 6.11 1.01
N VAL C 93 26.44 4.84 1.39
CA VAL C 93 27.51 4.20 2.14
C VAL C 93 28.25 3.15 1.33
N HIS C 94 29.54 3.33 1.15
CA HIS C 94 30.40 2.32 0.52
C HIS C 94 31.18 1.50 1.56
N ALA C 95 31.27 0.20 1.32
CA ALA C 95 31.97 -0.71 2.23
C ALA C 95 32.34 -2.02 1.53
N ARG C 96 33.44 -2.62 1.96
CA ARG C 96 33.91 -3.87 1.36
C ARG C 96 33.17 -5.10 1.90
N THR C 97 32.34 -4.88 2.91
CA THR C 97 31.44 -5.91 3.38
C THR C 97 30.20 -5.22 3.91
N LEU C 98 29.05 -5.86 3.78
CA LEU C 98 27.80 -5.25 4.20
C LEU C 98 27.69 -5.29 5.71
N SER C 99 28.42 -6.22 6.32
CA SER C 99 28.42 -6.34 7.77
C SER C 99 28.83 -5.01 8.43
N ASP C 100 29.90 -4.41 7.93
CA ASP C 100 30.35 -3.12 8.44
C ASP C 100 29.25 -2.08 8.24
N THR C 101 28.67 -2.07 7.04
CA THR C 101 27.60 -1.12 6.73
C THR C 101 26.44 -1.35 7.68
N GLN C 102 26.20 -2.61 8.04
CA GLN C 102 25.12 -2.93 8.98
C GLN C 102 25.44 -2.34 10.34
N GLN C 103 26.64 -2.59 10.82
CA GLN C 103 27.06 -2.12 12.14
C GLN C 103 26.91 -0.61 12.25
N PHE C 104 27.34 0.10 11.21
CA PHE C 104 27.23 1.55 11.19
C PHE C 104 25.78 2.03 11.20
N LEU C 105 24.95 1.43 10.37
CA LEU C 105 23.57 1.87 10.26
C LEU C 105 22.75 1.56 11.51
N SER C 106 23.06 0.44 12.15
CA SER C 106 22.35 0.05 13.36
C SER C 106 22.68 1.01 14.49
N ALA C 107 23.94 1.44 14.55
CA ALA C 107 24.38 2.41 15.54
C ALA C 107 23.72 3.75 15.31
N PHE C 108 23.78 4.23 14.06
CA PHE C 108 23.19 5.50 13.69
C PHE C 108 21.72 5.53 14.08
N MET C 109 21.02 4.46 13.80
CA MET C 109 19.60 4.40 14.11
C MET C 109 19.37 4.30 15.60
N GLY C 110 20.43 3.99 16.34
CA GLY C 110 20.36 3.88 17.80
C GLY C 110 20.49 5.20 18.55
N THR C 111 21.26 6.13 17.98
CA THR C 111 21.48 7.44 18.58
C THR C 111 20.20 8.21 18.86
N ARG C 112 20.28 9.26 19.67
CA ARG C 112 19.10 10.06 20.01
C ARG C 112 18.44 10.56 18.74
N LEU C 113 19.24 10.98 17.77
CA LEU C 113 18.70 11.44 16.49
C LEU C 113 18.05 10.28 15.74
N GLY C 114 18.74 9.14 15.70
CA GLY C 114 18.24 7.95 15.02
C GLY C 114 16.90 7.49 15.53
N ARG C 115 16.64 7.71 16.81
CA ARG C 115 15.40 7.27 17.42
C ARG C 115 14.20 8.10 17.00
N HIS C 116 14.45 9.23 16.35
CA HIS C 116 13.37 10.08 15.88
C HIS C 116 13.29 10.06 14.35
N LEU C 117 13.86 9.02 13.76
CA LEU C 117 13.85 8.84 12.31
C LEU C 117 13.09 7.56 11.94
N THR C 118 12.08 7.71 11.09
CA THR C 118 11.42 6.55 10.49
C THR C 118 12.23 6.10 9.27
N SER C 119 12.66 4.85 9.30
CA SER C 119 13.50 4.32 8.24
C SER C 119 12.74 4.35 6.92
N GLY C 120 13.32 5.01 5.94
CA GLY C 120 12.71 5.05 4.62
C GLY C 120 13.17 3.83 3.87
N GLY C 121 13.47 3.99 2.59
CA GLY C 121 13.97 2.89 1.80
C GLY C 121 15.37 2.47 2.19
N LEU C 122 15.66 1.19 2.01
CA LEU C 122 16.98 0.65 2.29
C LEU C 122 17.35 -0.32 1.17
N LEU C 123 18.39 0.04 0.40
CA LEU C 123 18.79 -0.73 -0.77
C LEU C 123 20.30 -0.93 -0.83
N HIS C 124 20.74 -2.13 -1.15
CA HIS C 124 22.15 -2.47 -1.27
C HIS C 124 22.46 -2.95 -2.69
N GLY C 125 23.72 -2.81 -3.10
CA GLY C 125 24.16 -3.36 -4.37
C GLY C 125 25.67 -3.30 -4.54
N VAL C 126 26.24 -4.41 -5.01
CA VAL C 126 27.67 -4.50 -5.26
C VAL C 126 28.04 -3.86 -6.58
N SER C 127 29.19 -3.19 -6.61
CA SER C 127 29.73 -2.64 -7.84
C SER C 127 30.55 -3.71 -8.53
N LYS C 128 30.30 -3.88 -9.83
CA LYS C 128 30.86 -4.99 -10.59
C LYS C 128 31.56 -4.46 -11.84
N LYS C 129 32.40 -5.29 -12.44
CA LYS C 129 33.07 -4.91 -13.66
C LYS C 129 32.08 -5.00 -14.83
N PRO C 130 32.17 -4.05 -15.78
CA PRO C 130 31.21 -3.99 -16.90
C PRO C 130 31.03 -5.33 -17.63
N THR C 131 29.80 -5.61 -18.03
CA THR C 131 29.44 -6.90 -18.65
C THR C 131 29.23 -6.79 -20.16
N TYR C 132 28.77 -5.65 -20.63
CA TYR C 132 28.37 -5.48 -22.03
C TYR C 132 29.24 -4.50 -22.81
N VAL C 133 30.03 -3.70 -22.11
CA VAL C 133 30.79 -2.63 -22.76
C VAL C 133 31.81 -3.18 -23.74
N ALA C 134 32.31 -4.38 -23.48
CA ALA C 134 33.33 -4.99 -24.32
C ALA C 134 32.80 -5.25 -25.73
N GLY C 135 31.51 -5.54 -25.84
CA GLY C 135 30.90 -5.84 -27.12
C GLY C 135 30.43 -4.60 -27.88
N PHE C 136 30.83 -3.43 -27.38
CA PHE C 136 30.47 -2.17 -28.04
C PHE C 136 31.55 -1.80 -29.03
N PRO C 137 31.24 -0.90 -29.97
CA PRO C 137 32.27 -0.36 -30.87
C PRO C 137 33.42 0.30 -30.12
N GLU C 138 34.62 0.19 -30.67
CA GLU C 138 35.82 0.71 -30.02
C GLU C 138 35.70 2.22 -29.82
N SER C 139 35.00 2.89 -30.73
CA SER C 139 34.81 4.32 -30.65
C SER C 139 33.89 4.68 -29.48
N MET C 140 32.99 3.75 -29.14
CA MET C 140 32.05 3.97 -28.05
C MET C 140 32.75 3.81 -26.70
N LYS C 141 33.65 2.83 -26.62
CA LYS C 141 34.44 2.61 -25.41
C LYS C 141 35.24 3.86 -25.10
N THR C 142 35.72 4.52 -26.14
CA THR C 142 36.52 5.73 -26.00
C THR C 142 35.69 6.80 -25.31
N GLU C 143 34.48 7.01 -25.81
CA GLU C 143 33.63 8.05 -25.25
C GLU C 143 33.23 7.72 -23.82
N LEU C 144 33.10 6.44 -23.51
CA LEU C 144 32.68 6.01 -22.17
C LEU C 144 33.75 6.28 -21.11
N GLN C 145 34.93 6.72 -21.55
CA GLN C 145 36.01 7.04 -20.63
C GLN C 145 35.59 8.21 -19.73
N VAL C 146 34.85 9.17 -20.30
CA VAL C 146 34.31 10.29 -19.53
C VAL C 146 33.07 9.89 -18.73
N ASN C 147 33.02 10.30 -17.46
CA ASN C 147 31.91 9.94 -16.58
C ASN C 147 31.07 11.14 -16.16
N GLY C 148 31.72 12.21 -15.70
CA GLY C 148 30.99 13.36 -15.19
C GLY C 148 31.76 14.67 -15.24
N GLU C 149 31.22 15.69 -14.57
CA GLU C 149 31.80 17.04 -14.53
C GLU C 149 32.56 17.30 -13.22
N SER C 150 33.11 18.50 -13.11
CA SER C 150 33.69 18.99 -11.85
C SER C 150 32.69 19.91 -11.14
N GLY C 151 31.96 19.36 -10.17
CA GLY C 151 30.90 20.11 -9.50
C GLY C 151 30.81 19.86 -8.01
N SER C 152 30.40 20.89 -7.28
CA SER C 152 30.20 20.81 -5.83
C SER C 152 28.73 21.04 -5.49
N ARG C 153 28.24 20.31 -4.49
CA ARG C 153 26.84 20.35 -4.10
C ARG C 153 25.91 20.15 -5.30
N PRO C 154 26.13 19.07 -6.07
CA PRO C 154 25.28 18.78 -7.22
C PRO C 154 23.98 18.13 -6.78
N TYR C 155 22.96 18.19 -7.61
CA TYR C 155 21.77 17.39 -7.38
C TYR C 155 22.16 15.93 -7.45
N ALA C 156 21.38 15.07 -6.80
CA ALA C 156 21.59 13.64 -6.89
C ALA C 156 20.26 12.95 -7.08
N ILE C 157 20.26 11.94 -7.95
CA ILE C 157 19.06 11.17 -8.25
C ILE C 157 19.38 9.70 -8.11
N VAL C 158 18.45 8.97 -7.49
CA VAL C 158 18.61 7.52 -7.30
C VAL C 158 17.36 6.82 -7.81
N ILE C 159 17.57 5.88 -8.73
CA ILE C 159 16.49 5.16 -9.37
C ILE C 159 16.72 3.66 -9.29
N PRO C 160 15.94 2.97 -8.45
CA PRO C 160 16.00 1.51 -8.39
C PRO C 160 15.35 0.89 -9.62
N ILE C 161 15.81 -0.30 -10.03
CA ILE C 161 15.30 -0.94 -11.24
C ILE C 161 15.17 -2.46 -11.12
N LYS C 162 14.05 -2.96 -11.61
CA LYS C 162 13.84 -4.40 -11.75
C LYS C 162 13.49 -4.73 -13.20
N LYS C 163 14.26 -5.63 -13.79
CA LYS C 163 14.00 -6.10 -15.14
C LYS C 163 12.91 -7.17 -15.14
N ASP C 164 12.17 -7.28 -16.24
CA ASP C 164 11.17 -8.33 -16.37
C ASP C 164 11.85 -9.66 -16.72
N ALA C 165 11.09 -10.74 -16.69
CA ALA C 165 11.64 -12.07 -16.95
C ALA C 165 12.21 -12.18 -18.36
N GLU C 166 11.54 -11.51 -19.29
CA GLU C 166 11.94 -11.49 -20.69
C GLU C 166 13.40 -11.07 -20.81
N PHE C 167 13.77 -10.00 -20.12
CA PHE C 167 15.09 -9.43 -20.22
C PHE C 167 16.17 -10.46 -19.93
N TRP C 168 15.91 -11.32 -18.94
CA TRP C 168 16.91 -12.31 -18.53
C TRP C 168 16.90 -13.48 -19.50
N ALA C 169 15.75 -13.73 -20.13
CA ALA C 169 15.61 -14.83 -21.07
C ALA C 169 16.43 -14.57 -22.33
N LEU C 170 16.63 -13.30 -22.66
CA LEU C 170 17.43 -12.95 -23.82
C LEU C 170 18.83 -13.52 -23.72
N ASP C 171 19.45 -13.72 -24.87
CA ASP C 171 20.79 -14.26 -24.95
C ASP C 171 21.77 -13.11 -24.87
N GLN C 172 23.05 -13.43 -24.71
CA GLN C 172 24.06 -12.41 -24.49
C GLN C 172 24.08 -11.40 -25.63
N GLU C 173 24.00 -11.88 -26.87
CA GLU C 173 24.07 -11.02 -28.04
C GLU C 173 22.92 -10.03 -28.05
N ALA C 174 21.74 -10.50 -27.66
CA ALA C 174 20.53 -9.68 -27.69
C ALA C 174 20.65 -8.53 -26.72
N ARG C 175 21.05 -8.85 -25.49
CA ARG C 175 21.17 -7.85 -24.42
C ARG C 175 22.29 -6.86 -24.73
N THR C 176 23.40 -7.35 -25.24
CA THR C 176 24.49 -6.48 -25.65
C THR C 176 24.00 -5.47 -26.68
N ALA C 177 23.04 -5.88 -27.51
CA ALA C 177 22.50 -4.99 -28.52
C ALA C 177 21.63 -3.95 -27.84
N LEU C 178 20.79 -4.40 -26.91
CA LEU C 178 19.93 -3.50 -26.16
C LEU C 178 20.76 -2.46 -25.41
N MET C 179 21.86 -2.91 -24.80
CA MET C 179 22.71 -2.02 -24.04
C MET C 179 23.49 -1.05 -24.91
N GLN C 180 23.86 -1.48 -26.11
CA GLN C 180 24.56 -0.58 -27.01
C GLN C 180 23.60 0.52 -27.42
N GLU C 181 22.32 0.18 -27.54
CA GLU C 181 21.29 1.15 -27.89
C GLU C 181 21.05 2.08 -26.70
N HIS C 182 21.07 1.52 -25.49
CA HIS C 182 20.96 2.29 -24.26
C HIS C 182 22.11 3.30 -24.19
N THR C 183 23.33 2.80 -24.31
CA THR C 183 24.53 3.63 -24.26
C THR C 183 24.50 4.74 -25.31
N GLN C 184 24.12 4.38 -26.53
CA GLN C 184 24.10 5.32 -27.64
C GLN C 184 23.25 6.54 -27.32
N ALA C 185 22.07 6.30 -26.77
CA ALA C 185 21.12 7.37 -26.50
C ALA C 185 21.66 8.32 -25.44
N ALA C 186 22.55 7.80 -24.59
CA ALA C 186 23.01 8.53 -23.41
C ALA C 186 24.29 9.32 -23.65
N LEU C 187 24.98 9.04 -24.76
CA LEU C 187 26.27 9.67 -25.04
C LEU C 187 26.26 11.20 -24.95
N PRO C 188 25.19 11.85 -25.45
CA PRO C 188 25.19 13.32 -25.41
C PRO C 188 25.18 13.94 -24.02
N TYR C 189 24.99 13.14 -22.98
CA TYR C 189 24.87 13.64 -21.60
C TYR C 189 26.00 13.11 -20.75
N LEU C 190 26.96 12.48 -21.42
CA LEU C 190 28.05 11.79 -20.75
C LEU C 190 28.88 12.71 -19.87
N LYS C 191 28.90 14.00 -20.20
CA LYS C 191 29.70 14.97 -19.46
C LYS C 191 28.94 15.60 -18.28
N THR C 192 27.71 16.04 -18.54
CA THR C 192 26.94 16.81 -17.57
C THR C 192 26.19 15.96 -16.55
N VAL C 193 26.39 14.64 -16.60
CA VAL C 193 25.70 13.74 -15.70
C VAL C 193 26.65 12.62 -15.29
N LYS C 194 27.02 12.60 -14.02
CA LYS C 194 27.86 11.53 -13.48
C LYS C 194 26.94 10.35 -13.24
N ARG C 195 27.48 9.14 -13.36
CA ARG C 195 26.67 7.93 -13.28
C ARG C 195 27.42 6.86 -12.50
N LYS C 196 26.66 6.01 -11.82
CA LYS C 196 27.23 4.83 -11.20
C LYS C 196 26.14 3.77 -11.08
N LEU C 197 26.53 2.52 -11.27
CA LEU C 197 25.58 1.42 -11.29
C LEU C 197 25.94 0.38 -10.25
N TYR C 198 24.95 0.01 -9.42
CA TYR C 198 25.14 -1.00 -8.41
C TYR C 198 24.29 -2.22 -8.73
N HIS C 199 24.89 -3.39 -8.55
CA HIS C 199 24.22 -4.64 -8.84
C HIS C 199 23.60 -5.20 -7.58
N SER C 200 22.26 -5.14 -7.54
CA SER C 200 21.51 -5.31 -6.31
C SER C 200 20.75 -6.63 -6.19
N THR C 201 20.80 -7.47 -7.22
CA THR C 201 19.98 -8.68 -7.24
C THR C 201 20.31 -9.62 -6.08
N GLY C 202 19.28 -10.04 -5.35
CA GLY C 202 19.45 -11.00 -4.27
C GLY C 202 19.67 -10.39 -2.88
N LEU C 203 19.93 -9.09 -2.84
CA LEU C 203 20.10 -8.38 -1.58
C LEU C 203 18.84 -7.58 -1.24
N ASP C 204 17.90 -7.54 -2.17
CA ASP C 204 16.63 -6.84 -1.99
C ASP C 204 15.73 -7.09 -3.21
N ASP C 205 14.69 -6.29 -3.38
CA ASP C 205 13.71 -6.48 -4.44
C ASP C 205 13.98 -5.71 -5.74
N VAL C 206 15.24 -5.41 -6.03
CA VAL C 206 15.58 -4.79 -7.30
C VAL C 206 16.83 -5.41 -7.91
N ASP C 207 17.00 -5.21 -9.21
CA ASP C 207 18.10 -5.82 -9.93
C ASP C 207 19.24 -4.83 -10.01
N PHE C 208 18.90 -3.54 -10.08
CA PHE C 208 19.88 -2.48 -10.16
C PHE C 208 19.54 -1.28 -9.27
N ILE C 209 20.58 -0.58 -8.86
CA ILE C 209 20.47 0.73 -8.25
C ILE C 209 21.30 1.64 -9.10
N THR C 210 20.67 2.68 -9.65
CA THR C 210 21.36 3.66 -10.47
C THR C 210 21.48 4.94 -9.66
N TYR C 211 22.60 5.62 -9.83
CA TYR C 211 22.92 6.81 -9.05
C TYR C 211 23.52 7.86 -9.97
N PHE C 212 23.02 9.10 -9.87
CA PHE C 212 23.41 10.18 -10.75
C PHE C 212 23.65 11.48 -10.01
N GLU C 213 24.73 12.16 -10.37
CA GLU C 213 25.00 13.51 -9.91
C GLU C 213 24.96 14.45 -11.10
N THR C 214 24.38 15.62 -10.91
CA THR C 214 24.33 16.61 -11.98
C THR C 214 24.04 18.01 -11.45
N GLU C 215 24.56 19.01 -12.14
CA GLU C 215 24.27 20.41 -11.83
C GLU C 215 23.11 20.89 -12.67
N ARG C 216 22.83 20.17 -13.76
CA ARG C 216 21.73 20.52 -14.66
C ARG C 216 20.66 19.45 -14.67
N LEU C 217 19.54 19.73 -14.01
CA LEU C 217 18.44 18.77 -13.97
C LEU C 217 17.73 18.70 -15.30
N GLU C 218 17.68 19.83 -16.01
CA GLU C 218 17.01 19.86 -17.30
C GLU C 218 17.71 18.91 -18.28
N ASP C 219 19.02 18.78 -18.16
CA ASP C 219 19.76 17.78 -18.93
C ASP C 219 19.35 16.37 -18.49
N PHE C 220 19.31 16.16 -17.18
CA PHE C 220 18.99 14.84 -16.65
C PHE C 220 17.59 14.41 -17.07
N HIS C 221 16.67 15.37 -17.10
CA HIS C 221 15.30 15.12 -17.54
C HIS C 221 15.31 14.62 -18.98
N ASN C 222 16.02 15.35 -19.82
CA ASN C 222 16.14 15.00 -21.22
C ASN C 222 16.85 13.66 -21.39
N LEU C 223 17.84 13.40 -20.53
CA LEU C 223 18.55 12.13 -20.58
C LEU C 223 17.59 10.96 -20.36
N VAL C 224 16.57 11.15 -19.53
CA VAL C 224 15.69 10.03 -19.19
C VAL C 224 14.61 9.87 -20.25
N ARG C 225 14.14 10.97 -20.84
CA ARG C 225 13.19 10.86 -21.94
C ARG C 225 13.84 10.15 -23.13
N ALA C 226 15.11 10.46 -23.36
CA ALA C 226 15.85 9.84 -24.46
C ALA C 226 15.91 8.33 -24.24
N LEU C 227 16.27 7.94 -23.02
CA LEU C 227 16.38 6.54 -22.70
C LEU C 227 15.01 5.86 -22.68
N GLN C 228 13.95 6.64 -22.52
CA GLN C 228 12.61 6.05 -22.45
C GLN C 228 12.16 5.53 -23.82
N GLN C 229 12.88 5.95 -24.86
CA GLN C 229 12.50 5.67 -26.23
C GLN C 229 13.27 4.51 -26.85
N VAL C 230 14.31 4.02 -26.18
CA VAL C 230 15.03 2.86 -26.69
C VAL C 230 14.20 1.62 -26.43
N LYS C 231 14.66 0.49 -26.96
CA LYS C 231 13.90 -0.75 -26.88
C LYS C 231 13.97 -1.29 -25.46
N GLU C 232 15.20 -1.35 -24.93
CA GLU C 232 15.49 -1.88 -23.59
C GLU C 232 14.48 -1.44 -22.54
N PHE C 233 14.04 -0.19 -22.62
CA PHE C 233 13.25 0.43 -21.55
C PHE C 233 12.02 -0.36 -21.15
N ARG C 234 11.31 -0.92 -22.13
CA ARG C 234 10.05 -1.60 -21.86
C ARG C 234 10.25 -2.83 -20.99
N HIS C 235 11.49 -3.25 -20.78
CA HIS C 235 11.78 -4.42 -19.94
C HIS C 235 11.94 -4.07 -18.47
N ASN C 236 11.78 -2.79 -18.14
CA ASN C 236 11.86 -2.36 -16.75
C ASN C 236 10.51 -2.56 -16.07
N ARG C 237 10.34 -3.73 -15.46
CA ARG C 237 9.12 -4.07 -14.74
C ARG C 237 8.92 -3.08 -13.61
N ARG C 238 10.03 -2.65 -13.01
CA ARG C 238 10.01 -1.61 -12.00
C ARG C 238 10.99 -0.50 -12.37
N PHE C 239 10.49 0.73 -12.45
CA PHE C 239 11.31 1.88 -12.79
C PHE C 239 11.07 3.03 -11.82
N GLY C 240 12.01 3.23 -10.92
CA GLY C 240 11.84 4.21 -9.85
C GLY C 240 11.10 3.60 -8.68
N HIS C 241 10.22 4.37 -8.05
CA HIS C 241 9.42 3.90 -6.92
C HIS C 241 10.29 3.40 -5.78
N PRO C 242 10.93 4.35 -5.07
CA PRO C 242 10.83 5.79 -5.28
C PRO C 242 11.91 6.29 -6.21
N THR C 243 11.69 7.44 -6.84
CA THR C 243 12.76 8.14 -7.54
C THR C 243 13.23 9.22 -6.59
N LEU C 244 14.36 8.98 -5.94
CA LEU C 244 14.85 9.87 -4.91
C LEU C 244 15.65 11.02 -5.49
N LEU C 245 15.14 12.23 -5.34
CA LEU C 245 15.81 13.45 -5.77
C LEU C 245 16.22 14.25 -4.54
N GLY C 246 17.50 14.62 -4.49
CA GLY C 246 17.99 15.42 -3.39
C GLY C 246 19.19 16.22 -3.79
N THR C 247 19.62 17.11 -2.89
CA THR C 247 20.84 17.87 -3.06
C THR C 247 21.90 17.26 -2.18
N MET C 248 23.09 17.13 -2.75
CA MET C 248 24.23 16.59 -2.03
C MET C 248 24.82 17.69 -1.16
N SER C 249 25.15 17.35 0.09
CA SER C 249 25.68 18.32 1.04
C SER C 249 26.36 17.62 2.19
N PRO C 250 27.30 18.31 2.86
CA PRO C 250 27.96 17.75 4.04
C PRO C 250 26.98 17.53 5.18
N LEU C 251 27.22 16.49 5.98
CA LEU C 251 26.28 16.05 7.01
C LEU C 251 26.00 17.15 8.03
N ASP C 252 27.02 17.94 8.36
CA ASP C 252 26.87 18.98 9.36
C ASP C 252 25.81 20.00 8.93
N GLU C 253 25.88 20.47 7.69
CA GLU C 253 24.93 21.47 7.22
C GLU C 253 23.51 20.92 7.18
N ILE C 254 23.36 19.61 7.05
CA ILE C 254 22.03 19.02 6.99
C ILE C 254 21.41 18.96 8.38
N LEU C 255 22.16 18.39 9.32
CA LEU C 255 21.69 18.24 10.70
C LEU C 255 21.53 19.59 11.38
N GLU C 256 22.35 20.56 10.97
CA GLU C 256 22.27 21.91 11.47
C GLU C 256 20.85 22.44 11.37
N LYS C 257 20.17 22.08 10.29
CA LYS C 257 18.79 22.54 10.05
C LYS C 257 17.83 21.99 11.11
N PHE C 258 18.19 20.85 11.69
CA PHE C 258 17.34 20.19 12.67
C PHE C 258 17.69 20.55 14.10
N ALA C 259 18.56 21.54 14.26
CA ALA C 259 19.04 21.91 15.59
C ALA C 259 18.53 23.29 16.00
N GLN C 260 18.31 24.15 15.01
CA GLN C 260 17.78 25.49 15.28
C GLN C 260 16.32 25.56 14.87
N GLU D 26 -24.29 -23.36 16.96
CA GLU D 26 -25.45 -24.22 17.05
C GLU D 26 -26.47 -23.99 15.94
N LYS D 27 -27.51 -23.22 16.25
CA LYS D 27 -28.57 -22.92 15.30
C LYS D 27 -28.00 -22.25 14.06
N LEU D 28 -27.19 -21.24 14.32
CA LEU D 28 -26.64 -20.34 13.31
C LEU D 28 -25.57 -20.93 12.38
N LEU D 29 -24.78 -21.87 12.88
CA LEU D 29 -23.58 -22.32 12.16
C LEU D 29 -23.88 -23.11 10.88
N THR D 30 -25.12 -23.55 10.69
CA THR D 30 -25.42 -24.46 9.59
C THR D 30 -26.59 -24.00 8.71
N GLU D 31 -27.46 -23.15 9.25
CA GLU D 31 -28.61 -22.69 8.47
C GLU D 31 -28.18 -21.66 7.44
N SER D 32 -29.07 -21.37 6.49
CA SER D 32 -28.82 -20.35 5.47
C SER D 32 -29.51 -19.07 5.88
N GLY D 33 -29.02 -17.95 5.36
CA GLY D 33 -29.54 -16.64 5.71
C GLY D 33 -28.81 -16.06 6.90
N VAL D 34 -27.88 -16.84 7.46
CA VAL D 34 -27.09 -16.40 8.60
C VAL D 34 -25.84 -15.69 8.11
N TYR D 35 -25.75 -14.38 8.40
CA TYR D 35 -24.56 -13.63 8.06
C TYR D 35 -23.42 -14.06 8.96
N GLY D 36 -22.23 -14.12 8.38
CA GLY D 36 -21.03 -14.45 9.11
C GLY D 36 -20.03 -13.34 8.92
N THR D 37 -19.43 -12.87 10.01
CA THR D 37 -18.55 -11.73 9.97
C THR D 37 -17.22 -12.13 10.58
N PHE D 38 -16.14 -11.73 9.92
CA PHE D 38 -14.78 -12.02 10.39
C PHE D 38 -14.07 -10.71 10.72
N ALA D 39 -13.80 -10.51 12.00
CA ALA D 39 -13.16 -9.28 12.49
C ALA D 39 -11.87 -9.58 13.19
N THR D 40 -10.79 -8.92 12.77
CA THR D 40 -9.49 -9.11 13.39
C THR D 40 -9.06 -7.84 14.11
N PHE D 41 -8.27 -8.02 15.17
CA PHE D 41 -7.77 -6.90 15.97
C PHE D 41 -6.34 -7.15 16.40
N GLN D 42 -5.61 -6.06 16.67
CA GLN D 42 -4.25 -6.12 17.17
C GLN D 42 -4.15 -5.23 18.40
N MET D 43 -3.43 -5.68 19.42
CA MET D 43 -3.31 -4.93 20.66
C MET D 43 -2.21 -3.87 20.54
N ASP D 44 -2.55 -2.64 20.90
CA ASP D 44 -1.61 -1.52 20.90
C ASP D 44 -0.51 -1.71 21.94
N HIS D 45 0.58 -0.98 21.77
CA HIS D 45 1.67 -1.02 22.73
C HIS D 45 1.28 -0.36 24.04
N ASP D 46 0.55 0.75 23.94
CA ASP D 46 0.21 1.56 25.11
C ASP D 46 -0.70 0.80 26.08
N TRP D 47 -1.13 -0.39 25.69
CA TRP D 47 -1.93 -1.26 26.54
C TRP D 47 -1.13 -1.79 27.73
N TRP D 48 0.18 -1.97 27.54
CA TRP D 48 1.03 -2.51 28.60
C TRP D 48 1.55 -1.43 29.53
N ASP D 49 1.30 -0.18 29.17
CA ASP D 49 1.54 0.95 30.07
C ASP D 49 0.46 1.00 31.15
N LEU D 50 -0.65 0.30 30.93
CA LEU D 50 -1.73 0.22 31.91
C LEU D 50 -1.32 -0.67 33.07
N PRO D 51 -1.75 -0.31 34.31
CA PRO D 51 -1.46 -1.17 35.45
C PRO D 51 -2.18 -2.51 35.34
N GLY D 52 -1.58 -3.55 35.91
CA GLY D 52 -2.11 -4.90 35.84
C GLY D 52 -3.59 -5.02 36.18
N GLU D 53 -4.02 -4.35 37.24
CA GLU D 53 -5.42 -4.45 37.66
C GLU D 53 -6.37 -3.91 36.61
N SER D 54 -6.06 -2.71 36.10
CA SER D 54 -6.92 -2.06 35.12
C SER D 54 -7.13 -2.95 33.92
N ARG D 55 -6.13 -3.76 33.59
CA ARG D 55 -6.22 -4.65 32.45
C ARG D 55 -7.20 -5.78 32.73
N VAL D 56 -7.17 -6.32 33.94
CA VAL D 56 -8.06 -7.43 34.29
C VAL D 56 -9.49 -6.93 34.34
N ILE D 57 -9.67 -5.70 34.81
CA ILE D 57 -10.99 -5.10 34.86
C ILE D 57 -11.50 -4.94 33.44
N SER D 58 -10.62 -4.47 32.55
CA SER D 58 -10.97 -4.32 31.14
C SER D 58 -11.37 -5.66 30.52
N VAL D 59 -10.59 -6.70 30.84
CA VAL D 59 -10.90 -8.06 30.36
C VAL D 59 -12.29 -8.49 30.83
N ALA D 60 -12.60 -8.19 32.07
CA ALA D 60 -13.87 -8.59 32.64
C ALA D 60 -15.00 -7.89 31.89
N GLU D 61 -14.77 -6.63 31.53
CA GLU D 61 -15.76 -5.83 30.79
C GLU D 61 -16.18 -6.54 29.51
N VAL D 62 -15.21 -6.98 28.73
CA VAL D 62 -15.47 -7.59 27.43
C VAL D 62 -16.25 -8.88 27.61
N LYS D 63 -15.75 -9.74 28.49
CA LYS D 63 -16.38 -11.03 28.74
C LYS D 63 -17.87 -10.85 29.02
N GLY D 64 -18.20 -9.79 29.73
CA GLY D 64 -19.59 -9.49 30.04
C GLY D 64 -20.37 -9.07 28.83
N LEU D 65 -19.79 -8.18 28.03
CA LEU D 65 -20.44 -7.70 26.81
C LEU D 65 -20.77 -8.87 25.88
N VAL D 66 -19.84 -9.81 25.77
CA VAL D 66 -20.03 -10.97 24.90
C VAL D 66 -21.17 -11.84 25.39
N GLU D 67 -21.21 -12.11 26.69
CA GLU D 67 -22.28 -12.91 27.27
C GLU D 67 -23.60 -12.17 27.15
N GLN D 68 -23.52 -10.84 27.22
CA GLN D 68 -24.70 -10.01 27.10
C GLN D 68 -25.32 -10.17 25.71
N TRP D 69 -24.47 -10.41 24.70
CA TRP D 69 -24.94 -10.56 23.32
C TRP D 69 -25.14 -12.01 22.88
N SER D 70 -24.60 -12.95 23.65
CA SER D 70 -24.64 -14.36 23.29
C SER D 70 -26.06 -14.87 23.02
N GLY D 71 -27.06 -14.09 23.44
CA GLY D 71 -28.44 -14.42 23.19
C GLY D 71 -28.85 -14.16 21.75
N LYS D 72 -28.51 -12.99 21.22
CA LYS D 72 -28.96 -12.57 19.90
C LYS D 72 -28.06 -13.10 18.78
N ILE D 73 -26.76 -13.21 19.05
CA ILE D 73 -25.78 -13.60 18.04
C ILE D 73 -24.77 -14.60 18.61
N LEU D 74 -24.04 -15.27 17.72
CA LEU D 74 -22.98 -16.19 18.12
C LEU D 74 -21.61 -15.60 17.82
N VAL D 75 -20.69 -15.70 18.77
CA VAL D 75 -19.35 -15.13 18.68
C VAL D 75 -18.31 -16.14 19.13
N GLU D 76 -17.29 -16.35 18.29
CA GLU D 76 -16.23 -17.30 18.59
C GLU D 76 -14.87 -16.64 18.43
N SER D 77 -13.85 -17.16 19.13
CA SER D 77 -12.57 -16.47 19.24
C SER D 77 -11.42 -17.32 18.71
N TYR D 78 -10.41 -16.63 18.19
CA TYR D 78 -9.24 -17.28 17.60
C TYR D 78 -8.00 -16.48 18.00
N LEU D 79 -6.97 -17.18 18.44
CA LEU D 79 -5.72 -16.53 18.78
C LEU D 79 -4.86 -16.50 17.53
N LEU D 80 -4.75 -15.33 16.92
CA LEU D 80 -3.92 -15.15 15.72
C LEU D 80 -2.51 -14.75 16.12
N ARG D 81 -2.35 -14.31 17.37
CA ARG D 81 -1.07 -13.84 17.87
C ARG D 81 -0.01 -14.93 17.72
N GLY D 82 1.02 -14.64 16.93
CA GLY D 82 2.11 -15.58 16.73
C GLY D 82 1.91 -16.54 15.56
N LEU D 83 0.79 -16.42 14.85
CA LEU D 83 0.57 -17.23 13.64
C LEU D 83 0.24 -16.36 12.44
N SER D 84 -0.45 -15.25 12.67
CA SER D 84 -0.75 -14.28 11.62
C SER D 84 -0.11 -12.94 11.96
N ASP D 85 0.58 -12.35 11.00
CA ASP D 85 1.24 -11.06 11.16
C ASP D 85 0.19 -9.97 11.39
N HIS D 86 0.53 -8.99 12.22
CA HIS D 86 -0.34 -7.84 12.51
C HIS D 86 -1.76 -8.27 12.91
N ALA D 87 -1.86 -9.29 13.75
CA ALA D 87 -3.15 -9.73 14.28
C ALA D 87 -2.96 -10.58 15.52
N ASP D 88 -3.75 -10.31 16.55
CA ASP D 88 -3.64 -11.01 17.82
C ASP D 88 -4.90 -11.83 18.05
N LEU D 89 -6.04 -11.25 17.68
CA LEU D 89 -7.35 -11.79 17.99
C LEU D 89 -8.25 -11.70 16.77
N MET D 90 -9.10 -12.72 16.60
CA MET D 90 -10.13 -12.69 15.56
C MET D 90 -11.44 -13.21 16.12
N PHE D 91 -12.54 -12.54 15.75
CA PHE D 91 -13.88 -12.99 16.09
C PHE D 91 -14.57 -13.53 14.83
N ARG D 92 -15.27 -14.65 14.96
CA ARG D 92 -16.21 -15.08 13.93
C ARG D 92 -17.61 -14.90 14.47
N VAL D 93 -18.33 -13.93 13.92
CA VAL D 93 -19.64 -13.57 14.46
C VAL D 93 -20.74 -13.97 13.49
N HIS D 94 -21.64 -14.83 13.97
CA HIS D 94 -22.85 -15.21 13.22
C HIS D 94 -24.08 -14.47 13.70
N ALA D 95 -24.90 -14.02 12.76
CA ALA D 95 -26.13 -13.30 13.08
C ALA D 95 -27.07 -13.31 11.91
N ARG D 96 -28.37 -13.31 12.19
CA ARG D 96 -29.39 -13.37 11.16
C ARG D 96 -29.62 -11.99 10.56
N THR D 97 -28.95 -10.99 11.14
CA THR D 97 -28.89 -9.66 10.55
C THR D 97 -27.57 -8.99 10.92
N LEU D 98 -27.03 -8.19 10.00
CA LEU D 98 -25.74 -7.53 10.22
C LEU D 98 -25.88 -6.35 11.16
N SER D 99 -27.11 -5.83 11.27
CA SER D 99 -27.37 -4.72 12.16
C SER D 99 -26.90 -5.09 13.56
N ASP D 100 -27.29 -6.28 13.99
CA ASP D 100 -26.92 -6.81 15.30
C ASP D 100 -25.39 -6.92 15.43
N THR D 101 -24.76 -7.48 14.41
CA THR D 101 -23.31 -7.66 14.42
C THR D 101 -22.60 -6.30 14.51
N GLN D 102 -23.15 -5.29 13.85
CA GLN D 102 -22.55 -3.96 13.89
C GLN D 102 -22.58 -3.45 15.32
N GLN D 103 -23.75 -3.55 15.94
CA GLN D 103 -23.94 -3.09 17.32
C GLN D 103 -22.92 -3.74 18.26
N PHE D 104 -22.76 -5.06 18.12
CA PHE D 104 -21.83 -5.79 18.99
C PHE D 104 -20.39 -5.33 18.77
N LEU D 105 -20.00 -5.22 17.51
CA LEU D 105 -18.63 -4.87 17.18
C LEU D 105 -18.28 -3.44 17.57
N SER D 106 -19.26 -2.55 17.45
CA SER D 106 -19.06 -1.15 17.80
C SER D 106 -18.92 -1.08 19.32
N ALA D 107 -19.74 -1.85 20.00
CA ALA D 107 -19.69 -1.93 21.45
C ALA D 107 -18.36 -2.51 21.92
N PHE D 108 -17.97 -3.63 21.33
CA PHE D 108 -16.71 -4.28 21.70
C PHE D 108 -15.55 -3.30 21.60
N MET D 109 -15.48 -2.57 20.49
CA MET D 109 -14.41 -1.60 20.26
C MET D 109 -14.58 -0.40 21.17
N GLY D 110 -15.75 -0.28 21.79
CA GLY D 110 -16.03 0.79 22.72
C GLY D 110 -15.50 0.49 24.11
N THR D 111 -15.47 -0.79 24.46
CA THR D 111 -14.98 -1.23 25.77
C THR D 111 -13.58 -0.72 26.03
N ARG D 112 -13.17 -0.75 27.31
CA ARG D 112 -11.89 -0.20 27.71
C ARG D 112 -10.78 -0.90 26.91
N LEU D 113 -10.89 -2.22 26.78
CA LEU D 113 -9.92 -3.00 26.01
C LEU D 113 -10.00 -2.69 24.52
N GLY D 114 -11.23 -2.62 24.01
CA GLY D 114 -11.48 -2.33 22.62
C GLY D 114 -10.85 -1.02 22.18
N ARG D 115 -10.72 -0.08 23.10
CA ARG D 115 -10.13 1.20 22.79
C ARG D 115 -8.62 1.10 22.58
N HIS D 116 -8.04 -0.05 22.92
CA HIS D 116 -6.61 -0.29 22.72
C HIS D 116 -6.36 -1.31 21.62
N LEU D 117 -7.36 -1.48 20.74
CA LEU D 117 -7.23 -2.39 19.60
C LEU D 117 -7.36 -1.61 18.30
N THR D 118 -6.35 -1.73 17.45
CA THR D 118 -6.44 -1.21 16.09
C THR D 118 -7.13 -2.25 15.21
N SER D 119 -8.25 -1.87 14.63
CA SER D 119 -9.04 -2.78 13.81
C SER D 119 -8.25 -3.26 12.60
N GLY D 120 -8.13 -4.58 12.48
CA GLY D 120 -7.48 -5.17 11.33
C GLY D 120 -8.53 -5.34 10.24
N GLY D 121 -8.52 -6.46 9.55
CA GLY D 121 -9.50 -6.72 8.51
C GLY D 121 -10.91 -6.92 9.02
N LEU D 122 -11.88 -6.58 8.18
CA LEU D 122 -13.30 -6.79 8.48
C LEU D 122 -14.05 -7.24 7.21
N LEU D 123 -14.58 -8.46 7.26
CA LEU D 123 -15.26 -9.08 6.11
C LEU D 123 -16.60 -9.74 6.49
N HIS D 124 -17.60 -9.56 5.63
CA HIS D 124 -18.92 -10.17 5.82
C HIS D 124 -19.28 -11.12 4.68
N GLY D 125 -20.17 -12.06 4.98
CA GLY D 125 -20.68 -12.97 3.97
C GLY D 125 -21.83 -13.80 4.50
N VAL D 126 -22.89 -13.91 3.69
CA VAL D 126 -24.06 -14.72 4.04
C VAL D 126 -23.79 -16.20 3.75
N SER D 127 -24.33 -17.09 4.58
CA SER D 127 -24.29 -18.52 4.30
C SER D 127 -25.50 -18.85 3.44
N LYS D 128 -25.28 -19.56 2.34
CA LYS D 128 -26.31 -19.75 1.33
C LYS D 128 -26.45 -21.23 1.03
N LYS D 129 -27.56 -21.62 0.40
CA LYS D 129 -27.79 -23.01 0.02
C LYS D 129 -26.97 -23.35 -1.24
N PRO D 130 -26.43 -24.59 -1.33
CA PRO D 130 -25.53 -24.99 -2.42
C PRO D 130 -26.06 -24.66 -3.83
N THR D 131 -25.16 -24.23 -4.72
CA THR D 131 -25.54 -23.77 -6.05
C THR D 131 -25.19 -24.76 -7.18
N TYR D 132 -24.12 -25.52 -6.99
CA TYR D 132 -23.58 -26.38 -8.05
C TYR D 132 -23.65 -27.87 -7.69
N VAL D 133 -23.90 -28.17 -6.42
CA VAL D 133 -23.84 -29.56 -5.95
C VAL D 133 -24.88 -30.48 -6.58
N ALA D 134 -26.02 -29.93 -6.97
CA ALA D 134 -27.12 -30.74 -7.53
C ALA D 134 -26.73 -31.42 -8.84
N GLY D 135 -25.87 -30.75 -9.62
CA GLY D 135 -25.45 -31.29 -10.90
C GLY D 135 -24.27 -32.24 -10.81
N PHE D 136 -23.94 -32.66 -9.59
CA PHE D 136 -22.83 -33.59 -9.37
C PHE D 136 -23.33 -35.03 -9.39
N PRO D 137 -22.39 -35.98 -9.55
CA PRO D 137 -22.75 -37.40 -9.44
C PRO D 137 -23.38 -37.71 -8.10
N GLU D 138 -24.34 -38.63 -8.08
CA GLU D 138 -25.06 -38.96 -6.86
C GLU D 138 -24.08 -39.50 -5.81
N SER D 139 -23.05 -40.19 -6.28
CA SER D 139 -22.03 -40.74 -5.39
C SER D 139 -21.20 -39.62 -4.78
N MET D 140 -21.05 -38.52 -5.51
CA MET D 140 -20.27 -37.40 -5.02
C MET D 140 -21.09 -36.60 -4.00
N LYS D 141 -22.39 -36.45 -4.26
CA LYS D 141 -23.28 -35.78 -3.31
C LYS D 141 -23.24 -36.51 -1.98
N THR D 142 -23.16 -37.83 -2.04
CA THR D 142 -23.15 -38.67 -0.85
C THR D 142 -21.94 -38.38 0.03
N GLU D 143 -20.76 -38.37 -0.57
CA GLU D 143 -19.51 -38.19 0.17
C GLU D 143 -19.44 -36.81 0.81
N LEU D 144 -20.08 -35.82 0.20
CA LEU D 144 -20.04 -34.45 0.70
C LEU D 144 -20.84 -34.26 1.99
N GLN D 145 -21.60 -35.28 2.39
CA GLN D 145 -22.36 -35.21 3.62
C GLN D 145 -21.45 -35.13 4.84
N VAL D 146 -20.29 -35.78 4.77
CA VAL D 146 -19.31 -35.66 5.85
C VAL D 146 -18.65 -34.30 5.70
N ASN D 147 -18.51 -33.58 6.81
CA ASN D 147 -17.99 -32.21 6.78
C ASN D 147 -16.64 -32.06 7.49
N GLY D 148 -16.49 -32.60 8.70
CA GLY D 148 -15.27 -32.39 9.47
C GLY D 148 -14.85 -33.47 10.45
N GLU D 149 -13.87 -33.13 11.28
CA GLU D 149 -13.22 -34.07 12.20
C GLU D 149 -13.70 -34.03 13.65
N SER D 150 -13.08 -34.87 14.46
CA SER D 150 -13.24 -34.86 15.91
C SER D 150 -12.09 -34.06 16.51
N GLY D 151 -12.31 -32.77 16.74
CA GLY D 151 -11.25 -31.91 17.23
C GLY D 151 -11.68 -30.83 18.22
N SER D 152 -10.80 -30.57 19.18
CA SER D 152 -10.96 -29.49 20.14
C SER D 152 -9.77 -28.57 19.98
N ARG D 153 -9.99 -27.26 20.08
CA ARG D 153 -8.93 -26.29 19.85
C ARG D 153 -8.16 -26.56 18.57
N PRO D 154 -8.89 -26.67 17.45
CA PRO D 154 -8.24 -26.90 16.17
C PRO D 154 -7.68 -25.61 15.61
N TYR D 155 -6.71 -25.71 14.70
CA TYR D 155 -6.28 -24.58 13.93
C TYR D 155 -7.47 -24.10 13.11
N ALA D 156 -7.42 -22.84 12.70
CA ALA D 156 -8.44 -22.29 11.83
C ALA D 156 -7.76 -21.48 10.76
N ILE D 157 -8.28 -21.56 9.54
CA ILE D 157 -7.72 -20.78 8.43
C ILE D 157 -8.86 -20.04 7.76
N VAL D 158 -8.62 -18.79 7.40
CA VAL D 158 -9.60 -17.97 6.69
C VAL D 158 -8.95 -17.37 5.46
N ILE D 159 -9.57 -17.62 4.30
CA ILE D 159 -9.04 -17.21 3.01
C ILE D 159 -10.12 -16.50 2.20
N PRO D 160 -9.98 -15.17 2.02
CA PRO D 160 -10.90 -14.44 1.14
C PRO D 160 -10.62 -14.74 -0.33
N ILE D 161 -11.64 -14.68 -1.18
CA ILE D 161 -11.49 -15.04 -2.58
C ILE D 161 -12.29 -14.11 -3.49
N LYS D 162 -11.66 -13.63 -4.56
CA LYS D 162 -12.35 -12.88 -5.59
C LYS D 162 -12.11 -13.48 -6.98
N LYS D 163 -13.20 -13.83 -7.66
CA LYS D 163 -13.13 -14.40 -8.99
C LYS D 163 -12.91 -13.31 -10.04
N ASP D 164 -12.26 -13.68 -11.14
CA ASP D 164 -12.07 -12.75 -12.26
C ASP D 164 -13.34 -12.61 -13.08
N ALA D 165 -13.35 -11.67 -14.02
CA ALA D 165 -14.54 -11.43 -14.82
C ALA D 165 -14.91 -12.67 -15.65
N GLU D 166 -13.91 -13.39 -16.12
CA GLU D 166 -14.12 -14.61 -16.90
C GLU D 166 -15.03 -15.61 -16.19
N PHE D 167 -14.75 -15.85 -14.93
CA PHE D 167 -15.48 -16.86 -14.16
C PHE D 167 -16.98 -16.61 -14.21
N TRP D 168 -17.37 -15.35 -14.16
CA TRP D 168 -18.78 -15.00 -14.13
C TRP D 168 -19.37 -15.09 -15.53
N ALA D 169 -18.52 -14.93 -16.54
CA ALA D 169 -18.96 -14.98 -17.94
C ALA D 169 -19.37 -16.40 -18.33
N LEU D 170 -18.76 -17.39 -17.70
CA LEU D 170 -19.10 -18.79 -17.95
C LEU D 170 -20.59 -19.02 -17.68
N ASP D 171 -21.14 -20.04 -18.31
CA ASP D 171 -22.52 -20.42 -18.11
C ASP D 171 -22.57 -21.40 -16.94
N GLN D 172 -23.77 -21.69 -16.46
CA GLN D 172 -23.93 -22.53 -15.28
C GLN D 172 -23.29 -23.89 -15.48
N GLU D 173 -23.49 -24.47 -16.67
CA GLU D 173 -22.96 -25.80 -16.95
C GLU D 173 -21.44 -25.79 -16.84
N ALA D 174 -20.83 -24.73 -17.36
CA ALA D 174 -19.37 -24.64 -17.37
C ALA D 174 -18.83 -24.55 -15.95
N ARG D 175 -19.45 -23.70 -15.13
CA ARG D 175 -19.00 -23.50 -13.76
C ARG D 175 -19.20 -24.78 -12.94
N THR D 176 -20.34 -25.44 -13.16
CA THR D 176 -20.64 -26.70 -12.47
C THR D 176 -19.55 -27.75 -12.72
N ALA D 177 -18.92 -27.69 -13.89
CA ALA D 177 -17.86 -28.62 -14.20
C ALA D 177 -16.64 -28.23 -13.39
N LEU D 178 -16.37 -26.93 -13.35
CA LEU D 178 -15.23 -26.40 -12.60
C LEU D 178 -15.36 -26.78 -11.14
N MET D 179 -16.56 -26.66 -10.58
CA MET D 179 -16.77 -26.97 -9.18
C MET D 179 -16.65 -28.47 -8.93
N GLN D 180 -17.07 -29.28 -9.89
CA GLN D 180 -16.97 -30.71 -9.74
C GLN D 180 -15.50 -31.14 -9.73
N GLU D 181 -14.67 -30.45 -10.50
CA GLU D 181 -13.25 -30.74 -10.52
C GLU D 181 -12.64 -30.28 -9.21
N HIS D 182 -13.11 -29.14 -8.72
CA HIS D 182 -12.75 -28.62 -7.41
C HIS D 182 -13.12 -29.62 -6.33
N THR D 183 -14.39 -30.01 -6.29
CA THR D 183 -14.88 -30.94 -5.29
C THR D 183 -14.10 -32.24 -5.31
N GLN D 184 -13.85 -32.76 -6.51
CA GLN D 184 -13.14 -34.01 -6.68
C GLN D 184 -11.77 -33.95 -6.03
N ALA D 185 -11.06 -32.86 -6.24
CA ALA D 185 -9.69 -32.75 -5.76
C ALA D 185 -9.62 -32.77 -4.24
N ALA D 186 -10.70 -32.35 -3.59
CA ALA D 186 -10.73 -32.13 -2.15
C ALA D 186 -11.23 -33.34 -1.36
N LEU D 187 -11.83 -34.30 -2.05
CA LEU D 187 -12.47 -35.46 -1.40
C LEU D 187 -11.60 -36.19 -0.37
N PRO D 188 -10.30 -36.37 -0.67
CA PRO D 188 -9.44 -37.09 0.29
C PRO D 188 -9.28 -36.39 1.65
N TYR D 189 -9.77 -35.16 1.77
CA TYR D 189 -9.56 -34.35 2.98
C TYR D 189 -10.87 -34.03 3.70
N LEU D 190 -11.96 -34.64 3.27
CA LEU D 190 -13.28 -34.35 3.83
C LEU D 190 -13.37 -34.62 5.31
N LYS D 191 -12.55 -35.55 5.81
CA LYS D 191 -12.64 -35.92 7.21
C LYS D 191 -11.73 -35.04 8.09
N THR D 192 -10.51 -34.80 7.64
CA THR D 192 -9.51 -34.09 8.44
C THR D 192 -9.62 -32.57 8.32
N VAL D 193 -10.60 -32.08 7.56
CA VAL D 193 -10.75 -30.62 7.35
C VAL D 193 -12.21 -30.18 7.27
N LYS D 194 -12.67 -29.44 8.28
CA LYS D 194 -14.01 -28.86 8.24
C LYS D 194 -13.99 -27.62 7.37
N ARG D 195 -15.13 -27.32 6.77
CA ARG D 195 -15.23 -26.23 5.80
C ARG D 195 -16.54 -25.48 6.00
N LYS D 196 -16.52 -24.19 5.68
CA LYS D 196 -17.72 -23.38 5.63
C LYS D 196 -17.47 -22.27 4.63
N LEU D 197 -18.51 -21.93 3.88
CA LEU D 197 -18.40 -20.95 2.81
C LEU D 197 -19.39 -19.82 3.00
N TYR D 198 -18.89 -18.59 2.93
CA TYR D 198 -19.73 -17.39 3.06
C TYR D 198 -19.72 -16.60 1.75
N HIS D 199 -20.88 -16.09 1.35
CA HIS D 199 -21.01 -15.33 0.10
C HIS D 199 -20.93 -13.82 0.36
N SER D 200 -19.82 -13.23 -0.07
CA SER D 200 -19.40 -11.90 0.40
C SER D 200 -19.56 -10.79 -0.63
N THR D 201 -19.99 -11.11 -1.85
CA THR D 201 -20.05 -10.11 -2.91
C THR D 201 -21.01 -8.97 -2.53
N GLY D 202 -20.54 -7.73 -2.65
CA GLY D 202 -21.38 -6.58 -2.43
C GLY D 202 -21.38 -6.03 -1.00
N LEU D 203 -20.78 -6.79 -0.09
CA LEU D 203 -20.61 -6.35 1.29
C LEU D 203 -19.17 -5.90 1.54
N ASP D 204 -18.30 -6.12 0.57
CA ASP D 204 -16.89 -5.74 0.66
C ASP D 204 -16.21 -6.03 -0.68
N ASP D 205 -14.87 -6.05 -0.70
CA ASP D 205 -14.11 -6.21 -1.94
C ASP D 205 -13.73 -7.65 -2.30
N VAL D 206 -14.50 -8.63 -1.83
CA VAL D 206 -14.27 -10.02 -2.21
C VAL D 206 -15.59 -10.76 -2.48
N ASP D 207 -15.49 -11.87 -3.19
CA ASP D 207 -16.68 -12.62 -3.56
C ASP D 207 -16.99 -13.73 -2.58
N PHE D 208 -15.94 -14.34 -2.04
CA PHE D 208 -16.11 -15.44 -1.08
C PHE D 208 -15.18 -15.32 0.09
N ILE D 209 -15.65 -15.84 1.22
CA ILE D 209 -14.84 -16.00 2.41
C ILE D 209 -14.89 -17.49 2.71
N THR D 210 -13.73 -18.12 2.71
CA THR D 210 -13.63 -19.54 3.03
C THR D 210 -13.06 -19.70 4.42
N TYR D 211 -13.56 -20.69 5.15
CA TYR D 211 -13.18 -20.90 6.54
C TYR D 211 -12.99 -22.39 6.81
N PHE D 212 -11.86 -22.75 7.43
CA PHE D 212 -11.52 -24.15 7.64
C PHE D 212 -10.94 -24.40 9.03
N GLU D 213 -11.38 -25.49 9.67
CA GLU D 213 -10.79 -25.96 10.93
C GLU D 213 -10.08 -27.29 10.70
N THR D 214 -8.92 -27.48 11.33
CA THR D 214 -8.19 -28.74 11.20
C THR D 214 -7.17 -28.92 12.32
N GLU D 215 -6.88 -30.17 12.68
CA GLU D 215 -5.82 -30.47 13.64
C GLU D 215 -4.50 -30.74 12.91
N ARG D 216 -4.59 -31.05 11.62
CA ARG D 216 -3.39 -31.28 10.81
C ARG D 216 -3.29 -30.26 9.70
N LEU D 217 -2.34 -29.34 9.85
CA LEU D 217 -2.14 -28.29 8.89
C LEU D 217 -1.50 -28.87 7.64
N GLU D 218 -0.68 -29.91 7.83
CA GLU D 218 0.00 -30.54 6.71
C GLU D 218 -1.03 -31.14 5.76
N ASP D 219 -2.15 -31.61 6.31
CA ASP D 219 -3.25 -32.06 5.48
C ASP D 219 -3.86 -30.89 4.73
N PHE D 220 -4.10 -29.80 5.45
CA PHE D 220 -4.72 -28.62 4.85
C PHE D 220 -3.79 -28.07 3.78
N HIS D 221 -2.50 -28.15 4.05
CA HIS D 221 -1.49 -27.70 3.10
C HIS D 221 -1.64 -28.47 1.81
N ASN D 222 -1.73 -29.79 1.94
CA ASN D 222 -1.90 -30.67 0.79
C ASN D 222 -3.22 -30.40 0.08
N LEU D 223 -4.26 -30.12 0.86
CA LEU D 223 -5.57 -29.79 0.29
C LEU D 223 -5.49 -28.57 -0.60
N VAL D 224 -4.65 -27.61 -0.24
CA VAL D 224 -4.60 -26.37 -1.00
C VAL D 224 -3.65 -26.56 -2.19
N ARG D 225 -2.59 -27.34 -2.00
CA ARG D 225 -1.69 -27.65 -3.12
C ARG D 225 -2.45 -28.47 -4.16
N ALA D 226 -3.31 -29.36 -3.70
CA ALA D 226 -4.14 -30.16 -4.60
C ALA D 226 -5.09 -29.28 -5.41
N LEU D 227 -5.80 -28.39 -4.73
CA LEU D 227 -6.77 -27.52 -5.38
C LEU D 227 -6.11 -26.51 -6.30
N GLN D 228 -4.82 -26.26 -6.08
CA GLN D 228 -4.13 -25.27 -6.90
C GLN D 228 -3.94 -25.80 -8.31
N GLN D 229 -4.13 -27.10 -8.48
CA GLN D 229 -3.81 -27.77 -9.74
C GLN D 229 -5.04 -27.98 -10.63
N VAL D 230 -6.23 -27.73 -10.09
CA VAL D 230 -7.44 -27.83 -10.90
C VAL D 230 -7.55 -26.62 -11.82
N LYS D 231 -8.56 -26.64 -12.68
CA LYS D 231 -8.75 -25.59 -13.67
C LYS D 231 -9.24 -24.32 -13.01
N GLU D 232 -10.31 -24.44 -12.21
CA GLU D 232 -10.95 -23.31 -11.54
C GLU D 232 -9.96 -22.30 -10.95
N PHE D 233 -8.87 -22.80 -10.38
CA PHE D 233 -7.98 -21.97 -9.56
C PHE D 233 -7.50 -20.71 -10.27
N ARG D 234 -7.20 -20.82 -11.56
CA ARG D 234 -6.63 -19.70 -12.29
C ARG D 234 -7.62 -18.53 -12.39
N HIS D 235 -8.87 -18.78 -12.02
CA HIS D 235 -9.90 -17.74 -12.06
C HIS D 235 -9.98 -16.92 -10.77
N ASN D 236 -9.10 -17.21 -9.82
CA ASN D 236 -9.02 -16.45 -8.58
C ASN D 236 -8.14 -15.20 -8.68
N ARG D 237 -8.76 -14.06 -9.01
CA ARG D 237 -8.02 -12.82 -9.15
C ARG D 237 -7.37 -12.42 -7.83
N ARG D 238 -8.06 -12.69 -6.72
CA ARG D 238 -7.51 -12.48 -5.39
C ARG D 238 -7.60 -13.77 -4.60
N PHE D 239 -6.46 -14.22 -4.09
CA PHE D 239 -6.38 -15.44 -3.31
C PHE D 239 -5.59 -15.21 -2.02
N GLY D 240 -6.31 -15.15 -0.91
CA GLY D 240 -5.73 -14.81 0.38
C GLY D 240 -5.68 -13.29 0.55
N HIS D 241 -4.59 -12.81 1.15
CA HIS D 241 -4.40 -11.38 1.34
C HIS D 241 -5.55 -10.77 2.13
N PRO D 242 -5.62 -11.08 3.44
CA PRO D 242 -4.66 -11.94 4.15
C PRO D 242 -5.12 -13.39 4.22
N THR D 243 -4.17 -14.30 4.40
CA THR D 243 -4.48 -15.69 4.74
C THR D 243 -4.36 -15.79 6.25
N LEU D 244 -5.49 -15.78 6.94
CA LEU D 244 -5.47 -15.74 8.40
C LEU D 244 -5.37 -17.12 9.01
N LEU D 245 -4.25 -17.38 9.70
CA LEU D 245 -4.04 -18.64 10.39
C LEU D 245 -4.03 -18.41 11.89
N GLY D 246 -4.83 -19.20 12.62
CA GLY D 246 -4.88 -19.09 14.07
C GLY D 246 -5.34 -20.35 14.76
N THR D 247 -5.27 -20.35 16.08
CA THR D 247 -5.78 -21.45 16.89
C THR D 247 -7.10 -21.05 17.52
N MET D 248 -8.07 -21.93 17.46
CA MET D 248 -9.38 -21.66 18.01
C MET D 248 -9.33 -21.86 19.51
N SER D 249 -9.93 -20.93 20.26
CA SER D 249 -9.88 -20.98 21.70
C SER D 249 -10.98 -20.12 22.32
N PRO D 250 -11.41 -20.45 23.55
CA PRO D 250 -12.38 -19.61 24.25
C PRO D 250 -11.80 -18.24 24.57
N LEU D 251 -12.64 -17.21 24.56
CA LEU D 251 -12.20 -15.82 24.68
C LEU D 251 -11.41 -15.60 25.97
N ASP D 252 -11.78 -16.33 27.02
CA ASP D 252 -11.17 -16.16 28.34
C ASP D 252 -9.67 -16.42 28.31
N GLU D 253 -9.27 -17.56 27.75
CA GLU D 253 -7.86 -17.94 27.72
C GLU D 253 -7.03 -17.04 26.83
N ILE D 254 -7.68 -16.38 25.88
CA ILE D 254 -6.97 -15.48 24.97
C ILE D 254 -6.66 -14.17 25.66
N LEU D 255 -7.69 -13.58 26.26
CA LEU D 255 -7.56 -12.30 26.95
C LEU D 255 -6.64 -12.42 28.16
N GLU D 256 -6.61 -13.62 28.75
CA GLU D 256 -5.73 -13.90 29.89
C GLU D 256 -4.29 -13.48 29.63
N LYS D 257 -3.82 -13.66 28.41
CA LYS D 257 -2.45 -13.32 28.07
C LYS D 257 -2.17 -11.82 28.19
N PHE D 258 -3.21 -10.99 28.07
CA PHE D 258 -3.08 -9.54 28.15
C PHE D 258 -3.32 -9.01 29.55
N ALA D 259 -3.41 -9.92 30.52
CA ALA D 259 -3.67 -9.56 31.91
C ALA D 259 -2.47 -9.91 32.77
N GLN D 260 -1.30 -10.03 32.14
CA GLN D 260 -0.07 -10.40 32.83
C GLN D 260 0.79 -9.18 33.05
N MET E 22 -42.17 24.01 3.36
CA MET E 22 -41.26 24.61 4.37
C MET E 22 -39.85 24.72 3.81
N ALA E 23 -39.24 23.57 3.54
CA ALA E 23 -37.90 23.52 2.97
C ALA E 23 -37.86 22.59 1.76
N ASP E 24 -37.46 23.14 0.61
CA ASP E 24 -37.30 22.36 -0.61
C ASP E 24 -35.94 21.66 -0.57
N ARG E 25 -35.70 20.93 0.51
CA ARG E 25 -34.42 20.23 0.71
C ARG E 25 -34.13 19.27 -0.42
N GLU E 26 -35.19 18.64 -0.91
CA GLU E 26 -35.07 17.56 -1.90
C GLU E 26 -34.51 18.06 -3.24
N LYS E 27 -34.41 19.39 -3.40
CA LYS E 27 -33.84 19.97 -4.62
C LYS E 27 -32.51 19.30 -4.85
N LEU E 28 -31.72 19.20 -3.80
CA LEU E 28 -30.38 18.66 -3.90
C LEU E 28 -30.39 17.16 -4.19
N LEU E 29 -31.33 16.41 -3.60
CA LEU E 29 -31.30 14.95 -3.65
C LEU E 29 -31.74 14.34 -5.01
N THR E 30 -32.40 15.15 -5.84
CA THR E 30 -33.02 14.64 -7.07
C THR E 30 -32.65 15.44 -8.32
N GLU E 31 -32.21 16.68 -8.14
CA GLU E 31 -31.87 17.50 -9.28
C GLU E 31 -30.56 17.09 -9.90
N SER E 32 -30.35 17.58 -11.12
CA SER E 32 -29.12 17.37 -11.84
C SER E 32 -28.29 18.63 -11.65
N GLY E 33 -26.98 18.51 -11.75
CA GLY E 33 -26.09 19.64 -11.54
C GLY E 33 -25.70 19.80 -10.09
N VAL E 34 -26.27 18.94 -9.24
CA VAL E 34 -26.00 18.96 -7.81
C VAL E 34 -24.83 18.04 -7.47
N TYR E 35 -23.76 18.64 -6.94
CA TYR E 35 -22.61 17.85 -6.49
C TYR E 35 -22.97 17.05 -5.24
N GLY E 36 -22.46 15.83 -5.16
CA GLY E 36 -22.64 14.97 -4.01
C GLY E 36 -21.27 14.54 -3.54
N THR E 37 -21.02 14.63 -2.24
CA THR E 37 -19.69 14.31 -1.70
C THR E 37 -19.78 13.28 -0.59
N PHE E 38 -18.87 12.30 -0.66
CA PHE E 38 -18.80 11.22 0.31
C PHE E 38 -17.50 11.33 1.09
N ALA E 39 -17.62 11.62 2.38
CA ALA E 39 -16.48 11.80 3.25
C ALA E 39 -16.58 10.84 4.43
N THR E 40 -15.52 10.08 4.67
CA THR E 40 -15.49 9.14 5.78
C THR E 40 -14.50 9.62 6.83
N PHE E 41 -14.77 9.24 8.08
CA PHE E 41 -13.92 9.62 9.19
C PHE E 41 -13.77 8.45 10.13
N GLN E 42 -12.64 8.45 10.85
CA GLN E 42 -12.33 7.40 11.81
C GLN E 42 -11.94 8.10 13.10
N MET E 43 -12.40 7.57 14.22
CA MET E 43 -12.19 8.23 15.50
C MET E 43 -10.83 7.88 16.09
N ASP E 44 -10.08 8.89 16.50
CA ASP E 44 -8.79 8.69 17.15
C ASP E 44 -8.97 8.00 18.49
N HIS E 45 -7.89 7.42 19.00
CA HIS E 45 -7.94 6.75 20.29
C HIS E 45 -8.10 7.79 21.41
N ASP E 46 -7.41 8.91 21.27
CA ASP E 46 -7.38 9.92 22.33
C ASP E 46 -8.72 10.60 22.58
N TRP E 47 -9.72 10.27 21.76
CA TRP E 47 -11.05 10.86 21.91
C TRP E 47 -11.68 10.45 23.23
N TRP E 48 -11.31 9.27 23.72
CA TRP E 48 -11.89 8.75 24.95
C TRP E 48 -11.13 9.24 26.20
N ASP E 49 -10.03 9.95 25.99
CA ASP E 49 -9.35 10.63 27.09
C ASP E 49 -10.18 11.81 27.55
N LEU E 50 -11.11 12.25 26.72
CA LEU E 50 -12.00 13.35 27.06
C LEU E 50 -13.06 12.89 28.06
N PRO E 51 -13.39 13.72 29.06
CA PRO E 51 -14.45 13.37 30.01
C PRO E 51 -15.81 13.26 29.34
N GLY E 52 -16.68 12.43 29.90
CA GLY E 52 -18.01 12.19 29.35
C GLY E 52 -18.77 13.46 29.00
N GLU E 53 -18.73 14.45 29.88
CA GLU E 53 -19.47 15.69 29.65
C GLU E 53 -18.91 16.41 28.43
N SER E 54 -17.58 16.51 28.37
CA SER E 54 -16.88 17.19 27.29
C SER E 54 -17.27 16.62 25.92
N ARG E 55 -17.52 15.31 25.87
CA ARG E 55 -17.85 14.66 24.61
C ARG E 55 -19.27 15.01 24.16
N VAL E 56 -20.20 15.10 25.11
CA VAL E 56 -21.60 15.42 24.79
C VAL E 56 -21.74 16.84 24.28
N ILE E 57 -20.95 17.76 24.84
CA ILE E 57 -20.94 19.14 24.38
C ILE E 57 -20.43 19.17 22.95
N SER E 58 -19.40 18.37 22.69
CA SER E 58 -18.81 18.28 21.36
C SER E 58 -19.88 17.87 20.35
N VAL E 59 -20.71 16.91 20.73
CA VAL E 59 -21.81 16.46 19.89
C VAL E 59 -22.73 17.63 19.56
N ALA E 60 -23.04 18.44 20.57
CA ALA E 60 -23.96 19.57 20.41
C ALA E 60 -23.40 20.61 19.44
N GLU E 61 -22.09 20.83 19.51
CA GLU E 61 -21.43 21.75 18.60
C GLU E 61 -21.70 21.37 17.14
N VAL E 62 -21.49 20.09 16.82
CA VAL E 62 -21.62 19.60 15.46
C VAL E 62 -23.08 19.70 15.02
N LYS E 63 -23.99 19.19 15.85
CA LYS E 63 -25.41 19.25 15.54
C LYS E 63 -25.79 20.69 15.20
N GLY E 64 -25.17 21.65 15.89
CA GLY E 64 -25.41 23.06 15.64
C GLY E 64 -24.81 23.51 14.32
N LEU E 65 -23.56 23.13 14.07
CA LEU E 65 -22.88 23.49 12.82
C LEU E 65 -23.66 22.98 11.61
N VAL E 66 -24.17 21.76 11.69
CA VAL E 66 -24.95 21.19 10.59
C VAL E 66 -26.22 22.01 10.41
N GLU E 67 -26.88 22.35 11.51
CA GLU E 67 -28.09 23.15 11.44
C GLU E 67 -27.77 24.54 10.91
N GLN E 68 -26.58 25.03 11.23
CA GLN E 68 -26.12 26.33 10.75
C GLN E 68 -26.04 26.33 9.23
N TRP E 69 -25.73 25.17 8.66
CA TRP E 69 -25.54 25.02 7.22
C TRP E 69 -26.83 24.56 6.54
N SER E 70 -27.85 24.27 7.35
CA SER E 70 -29.12 23.75 6.88
C SER E 70 -29.71 24.54 5.72
N GLY E 71 -29.21 25.75 5.49
CA GLY E 71 -29.64 26.54 4.36
C GLY E 71 -29.03 26.15 3.03
N LYS E 72 -27.70 26.04 3.00
CA LYS E 72 -26.96 25.85 1.76
C LYS E 72 -26.83 24.40 1.29
N ILE E 73 -26.74 23.46 2.22
CA ILE E 73 -26.45 22.08 1.84
C ILE E 73 -27.30 21.06 2.59
N LEU E 74 -27.31 19.84 2.05
CA LEU E 74 -27.95 18.71 2.69
C LEU E 74 -26.89 17.73 3.18
N VAL E 75 -27.04 17.24 4.40
CA VAL E 75 -26.06 16.36 5.03
C VAL E 75 -26.77 15.16 5.66
N GLU E 76 -26.29 13.97 5.32
CA GLU E 76 -26.85 12.74 5.84
C GLU E 76 -25.72 11.89 6.41
N SER E 77 -26.03 11.07 7.40
CA SER E 77 -25.00 10.40 8.18
C SER E 77 -25.15 8.89 8.12
N TYR E 78 -24.03 8.19 8.20
CA TYR E 78 -24.01 6.74 8.12
C TYR E 78 -23.00 6.19 9.12
N LEU E 79 -23.42 5.17 9.86
CA LEU E 79 -22.54 4.50 10.80
C LEU E 79 -21.80 3.33 10.13
N LEU E 80 -20.52 3.54 9.87
CA LEU E 80 -19.67 2.53 9.26
C LEU E 80 -18.98 1.65 10.30
N ARG E 81 -18.95 2.12 11.54
CA ARG E 81 -18.22 1.43 12.62
C ARG E 81 -18.77 0.02 12.78
N GLY E 82 -17.90 -0.98 12.58
CA GLY E 82 -18.29 -2.37 12.74
C GLY E 82 -18.85 -3.04 11.50
N LEU E 83 -18.92 -2.31 10.38
CA LEU E 83 -19.34 -2.88 9.10
C LEU E 83 -18.33 -2.57 8.00
N SER E 84 -17.69 -1.42 8.08
CA SER E 84 -16.65 -1.04 7.12
C SER E 84 -15.32 -0.95 7.82
N ASP E 85 -14.31 -1.53 7.20
CA ASP E 85 -12.98 -1.56 7.78
C ASP E 85 -12.42 -0.15 7.88
N HIS E 86 -11.72 0.13 8.97
CA HIS E 86 -11.05 1.42 9.22
C HIS E 86 -11.92 2.66 8.94
N ALA E 87 -13.17 2.62 9.39
CA ALA E 87 -14.07 3.77 9.22
C ALA E 87 -15.24 3.69 10.20
N ASP E 88 -15.58 4.83 10.81
CA ASP E 88 -16.61 4.88 11.82
C ASP E 88 -17.83 5.65 11.34
N LEU E 89 -17.58 6.72 10.60
CA LEU E 89 -18.63 7.67 10.25
C LEU E 89 -18.48 8.08 8.81
N MET E 90 -19.61 8.26 8.12
CA MET E 90 -19.61 8.78 6.76
C MET E 90 -20.69 9.86 6.59
N PHE E 91 -20.33 10.93 5.89
CA PHE E 91 -21.27 11.97 5.51
C PHE E 91 -21.53 11.91 4.01
N ARG E 92 -22.80 12.02 3.62
CA ARG E 92 -23.15 12.27 2.24
C ARG E 92 -23.68 13.70 2.12
N VAL E 93 -22.88 14.55 1.48
CA VAL E 93 -23.15 15.99 1.41
C VAL E 93 -23.54 16.44 0.00
N HIS E 94 -24.74 16.99 -0.14
CA HIS E 94 -25.17 17.58 -1.41
C HIS E 94 -25.01 19.09 -1.41
N ALA E 95 -24.55 19.64 -2.54
CA ALA E 95 -24.31 21.08 -2.67
C ALA E 95 -24.29 21.49 -4.14
N ARG E 96 -24.70 22.73 -4.41
CA ARG E 96 -24.76 23.23 -5.78
C ARG E 96 -23.38 23.71 -6.24
N THR E 97 -22.44 23.75 -5.30
CA THR E 97 -21.04 24.00 -5.60
C THR E 97 -20.22 23.28 -4.54
N LEU E 98 -19.02 22.85 -4.90
CA LEU E 98 -18.19 22.08 -3.99
C LEU E 98 -17.53 22.95 -2.93
N SER E 99 -17.41 24.24 -3.21
CA SER E 99 -16.85 25.19 -2.24
C SER E 99 -17.64 25.13 -0.94
N ASP E 100 -18.97 25.14 -1.05
CA ASP E 100 -19.83 25.04 0.12
C ASP E 100 -19.52 23.78 0.91
N THR E 101 -19.41 22.66 0.19
CA THR E 101 -19.08 21.39 0.83
C THR E 101 -17.70 21.49 1.48
N GLN E 102 -16.79 22.21 0.82
CA GLN E 102 -15.45 22.36 1.36
C GLN E 102 -15.50 23.11 2.67
N GLN E 103 -16.17 24.26 2.65
CA GLN E 103 -16.28 25.09 3.84
C GLN E 103 -16.93 24.33 4.98
N PHE E 104 -18.02 23.62 4.68
CA PHE E 104 -18.71 22.85 5.71
C PHE E 104 -17.80 21.78 6.29
N LEU E 105 -17.11 21.04 5.43
CA LEU E 105 -16.28 19.95 5.89
C LEU E 105 -15.09 20.49 6.66
N SER E 106 -14.60 21.66 6.25
CA SER E 106 -13.46 22.25 6.92
C SER E 106 -13.88 22.70 8.32
N ALA E 107 -15.09 23.23 8.42
CA ALA E 107 -15.64 23.64 9.70
C ALA E 107 -15.86 22.40 10.56
N PHE E 108 -16.50 21.39 9.98
CA PHE E 108 -16.75 20.14 10.69
C PHE E 108 -15.46 19.54 11.25
N MET E 109 -14.42 19.50 10.42
CA MET E 109 -13.16 18.92 10.82
C MET E 109 -12.50 19.80 11.88
N GLY E 110 -12.99 21.03 12.00
CA GLY E 110 -12.48 21.97 12.98
C GLY E 110 -13.06 21.84 14.38
N THR E 111 -14.31 21.40 14.47
CA THR E 111 -14.99 21.25 15.76
C THR E 111 -14.21 20.34 16.71
N ARG E 112 -14.52 20.40 18.00
CA ARG E 112 -13.82 19.64 19.03
C ARG E 112 -13.86 18.17 18.65
N LEU E 113 -15.01 17.76 18.13
CA LEU E 113 -15.19 16.40 17.66
C LEU E 113 -14.35 16.12 16.41
N GLY E 114 -14.41 17.04 15.46
CA GLY E 114 -13.65 16.92 14.23
C GLY E 114 -12.15 16.81 14.43
N ARG E 115 -11.66 17.44 15.48
CA ARG E 115 -10.22 17.46 15.75
C ARG E 115 -9.72 16.11 16.21
N HIS E 116 -10.65 15.23 16.56
CA HIS E 116 -10.31 13.88 17.00
C HIS E 116 -10.75 12.83 15.98
N LEU E 117 -10.91 13.26 14.74
CA LEU E 117 -11.29 12.37 13.64
C LEU E 117 -10.19 12.34 12.57
N THR E 118 -9.71 11.14 12.26
CA THR E 118 -8.82 10.98 11.11
C THR E 118 -9.64 10.84 9.84
N SER E 119 -9.40 11.77 8.90
CA SER E 119 -10.12 11.81 7.65
C SER E 119 -9.84 10.57 6.81
N GLY E 120 -10.89 9.87 6.44
CA GLY E 120 -10.77 8.69 5.59
C GLY E 120 -10.82 9.07 4.12
N GLY E 121 -11.53 8.27 3.34
CA GLY E 121 -11.72 8.55 1.93
C GLY E 121 -12.61 9.76 1.69
N LEU E 122 -12.37 10.44 0.57
CA LEU E 122 -13.15 11.61 0.20
C LEU E 122 -13.43 11.61 -1.32
N LEU E 123 -14.70 11.50 -1.71
CA LEU E 123 -15.09 11.41 -3.13
C LEU E 123 -16.25 12.34 -3.50
N HIS E 124 -16.14 12.98 -4.67
CA HIS E 124 -17.16 13.89 -5.18
C HIS E 124 -17.74 13.40 -6.51
N GLY E 125 -18.95 13.83 -6.84
CA GLY E 125 -19.57 13.50 -8.12
C GLY E 125 -20.84 14.26 -8.43
N VAL E 126 -20.97 14.69 -9.70
CA VAL E 126 -22.15 15.42 -10.16
C VAL E 126 -23.33 14.49 -10.45
N SER E 127 -24.53 14.91 -10.08
CA SER E 127 -25.75 14.19 -10.46
C SER E 127 -26.19 14.76 -11.78
N LYS E 128 -26.43 13.90 -12.75
CA LYS E 128 -26.66 14.32 -14.12
C LYS E 128 -27.91 13.63 -14.67
N LYS E 129 -28.46 14.15 -15.76
CA LYS E 129 -29.61 13.51 -16.40
C LYS E 129 -29.13 12.30 -17.22
N PRO E 130 -29.95 11.22 -17.26
CA PRO E 130 -29.59 9.96 -17.92
C PRO E 130 -29.06 10.11 -19.35
N THR E 131 -28.07 9.29 -19.71
CA THR E 131 -27.41 9.37 -21.01
C THR E 131 -27.85 8.24 -21.94
N TYR E 132 -28.16 7.09 -21.36
CA TYR E 132 -28.44 5.87 -22.14
C TYR E 132 -29.88 5.41 -22.00
N VAL E 133 -30.58 5.94 -21.00
CA VAL E 133 -31.93 5.46 -20.69
C VAL E 133 -32.90 5.76 -21.84
N ALA E 134 -32.64 6.82 -22.59
CA ALA E 134 -33.50 7.23 -23.69
C ALA E 134 -33.55 6.19 -24.81
N GLY E 135 -32.43 5.49 -25.02
CA GLY E 135 -32.33 4.50 -26.09
C GLY E 135 -32.81 3.11 -25.71
N PHE E 136 -33.47 3.00 -24.56
CA PHE E 136 -33.99 1.72 -24.10
C PHE E 136 -35.43 1.52 -24.59
N PRO E 137 -35.93 0.28 -24.55
CA PRO E 137 -37.35 0.04 -24.84
C PRO E 137 -38.28 0.81 -23.92
N GLU E 138 -39.44 1.22 -24.44
CA GLU E 138 -40.37 2.03 -23.65
C GLU E 138 -40.85 1.31 -22.40
N SER E 139 -40.91 -0.01 -22.45
CA SER E 139 -41.33 -0.79 -21.30
C SER E 139 -40.25 -0.72 -20.21
N MET E 140 -39.00 -0.54 -20.61
CA MET E 140 -37.90 -0.46 -19.66
C MET E 140 -37.84 0.90 -18.96
N LYS E 141 -38.06 1.96 -19.73
CA LYS E 141 -38.10 3.31 -19.17
C LYS E 141 -39.16 3.42 -18.08
N THR E 142 -40.29 2.73 -18.31
CA THR E 142 -41.40 2.72 -17.38
C THR E 142 -40.95 2.12 -16.06
N GLU E 143 -40.31 0.96 -16.13
CA GLU E 143 -39.90 0.26 -14.91
C GLU E 143 -38.86 1.09 -14.17
N LEU E 144 -38.03 1.82 -14.91
CA LEU E 144 -36.96 2.61 -14.29
C LEU E 144 -37.51 3.83 -13.55
N GLN E 145 -38.81 4.08 -13.68
CA GLN E 145 -39.44 5.16 -12.93
C GLN E 145 -39.36 4.84 -11.45
N VAL E 146 -39.42 3.54 -11.14
CA VAL E 146 -39.25 3.07 -9.77
C VAL E 146 -37.78 3.14 -9.39
N ASN E 147 -37.50 3.69 -8.21
CA ASN E 147 -36.13 3.82 -7.74
C ASN E 147 -35.84 2.98 -6.50
N GLY E 148 -36.71 3.08 -5.49
CA GLY E 148 -36.48 2.37 -4.24
C GLY E 148 -37.73 2.07 -3.45
N GLU E 149 -37.54 1.66 -2.20
CA GLU E 149 -38.66 1.32 -1.32
C GLU E 149 -38.92 2.47 -0.36
N SER E 150 -39.94 2.31 0.47
CA SER E 150 -40.18 3.24 1.58
C SER E 150 -39.66 2.59 2.85
N GLY E 151 -38.45 2.94 3.25
CA GLY E 151 -37.78 2.29 4.36
C GLY E 151 -37.00 3.27 5.23
N SER E 152 -36.94 2.98 6.53
CA SER E 152 -36.21 3.79 7.49
C SER E 152 -35.04 3.00 8.07
N ARG E 153 -33.93 3.71 8.30
CA ARG E 153 -32.69 3.10 8.76
C ARG E 153 -32.27 1.90 7.89
N PRO E 154 -32.19 2.12 6.56
CA PRO E 154 -31.75 1.07 5.65
C PRO E 154 -30.24 0.93 5.67
N TYR E 155 -29.72 -0.21 5.25
CA TYR E 155 -28.29 -0.35 4.98
C TYR E 155 -27.93 0.59 3.86
N ALA E 156 -26.66 0.98 3.79
CA ALA E 156 -26.19 1.82 2.70
C ALA E 156 -24.86 1.28 2.17
N ILE E 157 -24.71 1.31 0.85
CA ILE E 157 -23.49 0.83 0.21
C ILE E 157 -22.98 1.87 -0.77
N VAL E 158 -21.65 2.05 -0.79
CA VAL E 158 -21.01 2.96 -1.71
C VAL E 158 -19.86 2.25 -2.41
N ILE E 159 -19.88 2.25 -3.73
CA ILE E 159 -18.90 1.55 -4.54
C ILE E 159 -18.33 2.50 -5.59
N PRO E 160 -17.07 2.92 -5.42
CA PRO E 160 -16.45 3.74 -6.46
C PRO E 160 -16.14 2.87 -7.67
N ILE E 161 -16.16 3.45 -8.87
CA ILE E 161 -15.95 2.68 -10.10
C ILE E 161 -15.13 3.45 -11.11
N LYS E 162 -14.17 2.76 -11.71
CA LYS E 162 -13.41 3.30 -12.83
C LYS E 162 -13.50 2.35 -14.02
N LYS E 163 -13.96 2.87 -15.15
CA LYS E 163 -14.04 2.10 -16.39
C LYS E 163 -12.66 2.06 -17.05
N ASP E 164 -12.41 1.01 -17.83
CA ASP E 164 -11.17 0.92 -18.60
C ASP E 164 -11.23 1.77 -19.87
N ALA E 165 -10.09 1.92 -20.54
CA ALA E 165 -10.00 2.73 -21.74
C ALA E 165 -10.90 2.18 -22.85
N GLU E 166 -11.02 0.86 -22.90
CA GLU E 166 -11.87 0.19 -23.88
C GLU E 166 -13.27 0.78 -23.84
N PHE E 167 -13.82 0.90 -22.64
CA PHE E 167 -15.19 1.36 -22.46
C PHE E 167 -15.43 2.71 -23.13
N TRP E 168 -14.44 3.59 -23.06
CA TRP E 168 -14.60 4.93 -23.64
C TRP E 168 -14.40 4.87 -25.15
N ALA E 169 -13.61 3.90 -25.59
CA ALA E 169 -13.32 3.73 -27.01
C ALA E 169 -14.58 3.31 -27.74
N LEU E 170 -15.46 2.62 -27.03
CA LEU E 170 -16.73 2.21 -27.61
C LEU E 170 -17.54 3.41 -28.09
N ASP E 171 -18.42 3.17 -29.05
CA ASP E 171 -19.30 4.20 -29.56
C ASP E 171 -20.57 4.22 -28.73
N GLN E 172 -21.39 5.24 -28.93
CA GLN E 172 -22.59 5.43 -28.12
C GLN E 172 -23.54 4.24 -28.21
N GLU E 173 -23.69 3.71 -29.42
CA GLU E 173 -24.61 2.59 -29.65
C GLU E 173 -24.16 1.37 -28.86
N ALA E 174 -22.85 1.13 -28.85
CA ALA E 174 -22.30 -0.04 -28.17
C ALA E 174 -22.50 0.09 -26.67
N ARG E 175 -22.19 1.27 -26.13
CA ARG E 175 -22.30 1.50 -24.69
C ARG E 175 -23.76 1.40 -24.29
N THR E 176 -24.64 1.97 -25.10
CA THR E 176 -26.08 1.89 -24.84
C THR E 176 -26.55 0.44 -24.76
N ALA E 177 -25.91 -0.43 -25.53
CA ALA E 177 -26.31 -1.83 -25.54
C ALA E 177 -25.85 -2.45 -24.23
N LEU E 178 -24.62 -2.14 -23.84
CA LEU E 178 -24.07 -2.64 -22.60
C LEU E 178 -24.92 -2.20 -21.40
N MET E 179 -25.35 -0.94 -21.41
CA MET E 179 -26.13 -0.40 -20.31
C MET E 179 -27.54 -0.99 -20.27
N GLN E 180 -28.09 -1.29 -21.45
CA GLN E 180 -29.40 -1.90 -21.50
C GLN E 180 -29.33 -3.30 -20.90
N GLU E 181 -28.20 -3.97 -21.11
CA GLU E 181 -27.99 -5.29 -20.55
C GLU E 181 -27.80 -5.15 -19.05
N HIS E 182 -27.10 -4.10 -18.67
CA HIS E 182 -26.90 -3.76 -17.27
C HIS E 182 -28.26 -3.54 -16.60
N THR E 183 -29.06 -2.65 -17.18
CA THR E 183 -30.38 -2.35 -16.64
C THR E 183 -31.23 -3.61 -16.54
N GLN E 184 -31.24 -4.40 -17.61
CA GLN E 184 -32.06 -5.61 -17.67
C GLN E 184 -31.78 -6.54 -16.50
N ALA E 185 -30.49 -6.71 -16.18
CA ALA E 185 -30.07 -7.62 -15.12
C ALA E 185 -30.57 -7.14 -13.77
N ALA E 186 -30.75 -5.82 -13.67
CA ALA E 186 -31.06 -5.17 -12.40
C ALA E 186 -32.55 -4.98 -12.16
N LEU E 187 -33.35 -5.19 -13.20
CA LEU E 187 -34.79 -4.94 -13.12
C LEU E 187 -35.49 -5.64 -11.94
N PRO E 188 -35.09 -6.88 -11.63
CA PRO E 188 -35.76 -7.57 -10.52
C PRO E 188 -35.58 -6.93 -9.16
N TYR E 189 -34.72 -5.91 -9.04
CA TYR E 189 -34.36 -5.33 -7.74
C TYR E 189 -34.76 -3.87 -7.54
N LEU E 190 -35.53 -3.30 -8.45
CA LEU E 190 -35.90 -1.87 -8.34
C LEU E 190 -36.67 -1.55 -7.07
N LYS E 191 -37.31 -2.55 -6.48
CA LYS E 191 -38.12 -2.32 -5.30
C LYS E 191 -37.25 -2.32 -4.05
N THR E 192 -36.40 -3.35 -3.93
CA THR E 192 -35.63 -3.57 -2.69
C THR E 192 -34.29 -2.84 -2.61
N VAL E 193 -33.96 -2.03 -3.62
CA VAL E 193 -32.68 -1.32 -3.66
C VAL E 193 -32.81 0.06 -4.28
N LYS E 194 -32.65 1.11 -3.46
CA LYS E 194 -32.64 2.47 -3.97
C LYS E 194 -31.24 2.70 -4.55
N ARG E 195 -31.14 3.55 -5.56
CA ARG E 195 -29.88 3.74 -6.26
C ARG E 195 -29.66 5.20 -6.60
N LYS E 196 -28.40 5.60 -6.71
CA LYS E 196 -28.07 6.92 -7.23
C LYS E 196 -26.68 6.89 -7.83
N LEU E 197 -26.49 7.62 -8.93
CA LEU E 197 -25.22 7.60 -9.65
C LEU E 197 -24.68 9.01 -9.76
N TYR E 198 -23.42 9.17 -9.35
CA TYR E 198 -22.74 10.46 -9.41
C TYR E 198 -21.60 10.35 -10.42
N HIS E 199 -21.43 11.39 -11.22
CA HIS E 199 -20.42 11.37 -12.26
C HIS E 199 -19.17 12.05 -11.75
N SER E 200 -18.16 11.24 -11.49
CA SER E 200 -17.03 11.65 -10.66
C SER E 200 -15.74 11.95 -11.43
N THR E 201 -15.75 11.75 -12.74
CA THR E 201 -14.52 11.86 -13.52
C THR E 201 -13.94 13.27 -13.42
N GLY E 202 -12.66 13.37 -13.13
CA GLY E 202 -11.97 14.65 -13.11
C GLY E 202 -11.94 15.37 -11.76
N LEU E 203 -12.74 14.88 -10.81
CA LEU E 203 -12.73 15.43 -9.46
C LEU E 203 -11.97 14.50 -8.51
N ASP E 204 -11.59 13.32 -9.00
CA ASP E 204 -10.85 12.35 -8.22
C ASP E 204 -10.45 11.16 -9.12
N ASP E 205 -10.06 10.04 -8.50
CA ASP E 205 -9.54 8.89 -9.25
C ASP E 205 -10.58 7.82 -9.63
N VAL E 206 -11.84 8.23 -9.75
CA VAL E 206 -12.88 7.32 -10.24
C VAL E 206 -13.82 8.03 -11.21
N ASP E 207 -14.57 7.26 -11.99
CA ASP E 207 -15.44 7.80 -13.02
C ASP E 207 -16.86 7.93 -12.48
N PHE E 208 -17.23 7.01 -11.58
CA PHE E 208 -18.56 7.01 -10.99
C PHE E 208 -18.51 6.72 -9.50
N ILE E 209 -19.49 7.22 -8.79
CA ILE E 209 -19.74 6.86 -7.41
C ILE E 209 -21.16 6.33 -7.37
N THR E 210 -21.33 5.10 -6.93
CA THR E 210 -22.65 4.50 -6.85
C THR E 210 -23.07 4.46 -5.39
N TYR E 211 -24.36 4.68 -5.15
CA TYR E 211 -24.89 4.75 -3.79
C TYR E 211 -26.19 3.97 -3.74
N PHE E 212 -26.34 3.13 -2.72
CA PHE E 212 -27.50 2.26 -2.62
C PHE E 212 -28.02 2.21 -1.20
N GLU E 213 -29.35 2.26 -1.06
CA GLU E 213 -30.00 2.02 0.23
C GLU E 213 -30.82 0.76 0.10
N THR E 214 -30.81 -0.08 1.14
CA THR E 214 -31.60 -1.30 1.11
C THR E 214 -31.82 -1.84 2.52
N GLU E 215 -32.94 -2.55 2.69
CA GLU E 215 -33.22 -3.23 3.95
C GLU E 215 -32.74 -4.66 3.86
N ARG E 216 -32.55 -5.16 2.64
CA ARG E 216 -32.10 -6.53 2.41
C ARG E 216 -30.76 -6.53 1.71
N LEU E 217 -29.70 -6.85 2.45
CA LEU E 217 -28.38 -6.92 1.85
C LEU E 217 -28.28 -8.16 0.97
N GLU E 218 -29.01 -9.21 1.33
CA GLU E 218 -28.99 -10.43 0.55
C GLU E 218 -29.51 -10.16 -0.86
N ASP E 219 -30.48 -9.26 -0.99
CA ASP E 219 -30.95 -8.81 -2.29
C ASP E 219 -29.86 -8.02 -3.00
N PHE E 220 -29.23 -7.10 -2.28
CA PHE E 220 -28.19 -6.28 -2.86
C PHE E 220 -27.03 -7.17 -3.30
N HIS E 221 -26.77 -8.22 -2.53
CA HIS E 221 -25.73 -9.19 -2.85
C HIS E 221 -26.02 -9.88 -4.18
N ASN E 222 -27.24 -10.39 -4.30
CA ASN E 222 -27.67 -11.05 -5.53
C ASN E 222 -27.66 -10.08 -6.70
N LEU E 223 -28.04 -8.83 -6.44
CA LEU E 223 -28.02 -7.80 -7.47
C LEU E 223 -26.62 -7.63 -8.04
N VAL E 224 -25.59 -7.81 -7.21
CA VAL E 224 -24.23 -7.55 -7.67
C VAL E 224 -23.67 -8.76 -8.42
N ARG E 225 -24.05 -9.97 -8.02
CA ARG E 225 -23.65 -11.16 -8.75
C ARG E 225 -24.28 -11.14 -10.14
N ALA E 226 -25.51 -10.65 -10.21
CA ALA E 226 -26.22 -10.53 -11.47
C ALA E 226 -25.47 -9.59 -12.39
N LEU E 227 -25.06 -8.44 -11.87
CA LEU E 227 -24.35 -7.47 -12.67
C LEU E 227 -22.96 -7.98 -13.02
N GLN E 228 -22.44 -8.92 -12.24
CA GLN E 228 -21.10 -9.45 -12.48
C GLN E 228 -21.10 -10.37 -13.71
N GLN E 229 -22.29 -10.78 -14.12
CA GLN E 229 -22.44 -11.77 -15.18
C GLN E 229 -22.79 -11.14 -16.53
N VAL E 230 -23.11 -9.83 -16.53
CA VAL E 230 -23.34 -9.14 -17.79
C VAL E 230 -22.00 -8.83 -18.44
N LYS E 231 -22.04 -8.30 -19.65
CA LYS E 231 -20.85 -8.02 -20.42
C LYS E 231 -20.13 -6.78 -19.87
N GLU E 232 -20.89 -5.71 -19.67
CA GLU E 232 -20.37 -4.42 -19.19
C GLU E 232 -19.35 -4.54 -18.06
N PHE E 233 -19.59 -5.48 -17.15
CA PHE E 233 -18.82 -5.56 -15.90
C PHE E 233 -17.31 -5.66 -16.09
N ARG E 234 -16.87 -6.43 -17.09
CA ARG E 234 -15.43 -6.66 -17.26
C ARG E 234 -14.67 -5.38 -17.61
N HIS E 235 -15.40 -4.31 -17.89
CA HIS E 235 -14.78 -3.02 -18.22
C HIS E 235 -14.55 -2.18 -16.97
N ASN E 236 -14.88 -2.72 -15.79
CA ASN E 236 -14.66 -2.01 -14.53
C ASN E 236 -13.22 -2.18 -14.05
N ARG E 237 -12.35 -1.24 -14.43
CA ARG E 237 -10.93 -1.31 -14.11
C ARG E 237 -10.77 -1.31 -12.59
N ARG E 238 -11.61 -0.54 -11.93
CA ARG E 238 -11.67 -0.48 -10.47
C ARG E 238 -13.11 -0.70 -10.01
N PHE E 239 -13.33 -1.67 -9.14
CA PHE E 239 -14.67 -1.95 -8.64
C PHE E 239 -14.66 -2.11 -7.12
N GLY E 240 -15.17 -1.09 -6.43
CA GLY E 240 -15.08 -1.04 -4.98
C GLY E 240 -13.74 -0.45 -4.59
N HIS E 241 -13.15 -1.00 -3.54
CA HIS E 241 -11.84 -0.54 -3.09
C HIS E 241 -11.87 0.94 -2.82
N PRO E 242 -12.54 1.34 -1.73
CA PRO E 242 -13.24 0.45 -0.81
C PRO E 242 -14.69 0.27 -1.18
N THR E 243 -15.29 -0.82 -0.73
CA THR E 243 -16.74 -0.98 -0.77
C THR E 243 -17.27 -0.63 0.60
N LEU E 244 -17.84 0.57 0.73
CA LEU E 244 -18.28 1.09 2.02
C LEU E 244 -19.68 0.61 2.37
N LEU E 245 -19.78 -0.17 3.45
CA LEU E 245 -21.06 -0.66 3.94
C LEU E 245 -21.35 0.00 5.28
N GLY E 246 -22.56 0.55 5.42
CA GLY E 246 -22.94 1.17 6.67
C GLY E 246 -24.44 1.18 6.90
N THR E 247 -24.84 1.60 8.09
CA THR E 247 -26.24 1.77 8.43
C THR E 247 -26.58 3.24 8.44
N MET E 248 -27.69 3.59 7.79
CA MET E 248 -28.13 4.98 7.75
C MET E 248 -28.86 5.32 9.04
N SER E 249 -28.52 6.46 9.62
CA SER E 249 -29.12 6.87 10.88
C SER E 249 -28.86 8.36 11.11
N PRO E 250 -29.71 9.01 11.93
CA PRO E 250 -29.54 10.43 12.25
C PRO E 250 -28.23 10.71 12.96
N LEU E 251 -27.67 11.90 12.71
CA LEU E 251 -26.33 12.24 13.18
C LEU E 251 -26.21 12.15 14.70
N ASP E 252 -27.26 12.54 15.41
CA ASP E 252 -27.21 12.51 16.87
C ASP E 252 -26.99 11.09 17.39
N GLU E 253 -27.78 10.13 16.92
CA GLU E 253 -27.67 8.76 17.41
C GLU E 253 -26.31 8.14 17.10
N ILE E 254 -25.65 8.63 16.05
CA ILE E 254 -24.35 8.12 15.70
C ILE E 254 -23.36 8.70 16.68
N LEU E 255 -23.42 10.02 16.83
CA LEU E 255 -22.54 10.73 17.75
C LEU E 255 -22.83 10.37 19.20
N GLU E 256 -24.10 10.08 19.49
CA GLU E 256 -24.53 9.66 20.82
C GLU E 256 -23.70 8.48 21.27
N LYS E 257 -23.39 7.59 20.34
CA LYS E 257 -22.60 6.40 20.60
C LYS E 257 -21.16 6.74 21.01
N PHE E 258 -20.71 7.93 20.60
CA PHE E 258 -19.36 8.39 20.94
C PHE E 258 -19.32 9.21 22.22
N ALA E 259 -20.41 9.19 22.97
CA ALA E 259 -20.52 9.94 24.21
C ALA E 259 -20.62 9.02 25.42
N GLN E 260 -20.85 7.73 25.16
CA GLN E 260 -20.95 6.73 26.23
C GLN E 260 -19.69 5.89 26.27
CHA HEM F . -0.19 18.18 -24.16
CHB HEM F . -3.95 21.03 -25.28
CHC HEM F . -6.25 19.45 -21.33
CHD HEM F . -2.81 16.13 -20.54
C1A HEM F . -0.99 19.10 -24.79
C2A HEM F . -0.65 19.86 -25.99
C3A HEM F . -1.68 20.64 -26.30
C4A HEM F . -2.72 20.40 -25.31
CMA HEM F . -1.77 21.62 -27.48
CAA HEM F . 0.69 19.78 -26.78
CBA HEM F . 1.85 20.26 -25.93
CGA HEM F . 3.12 20.19 -26.73
O1A HEM F . 3.06 20.27 -27.99
O2A HEM F . 4.21 20.04 -26.11
C1B HEM F . -4.86 20.91 -24.25
C2B HEM F . -6.01 21.76 -24.04
C3B HEM F . -6.66 21.33 -22.95
C4B HEM F . -5.91 20.20 -22.43
CMB HEM F . -6.32 22.93 -25.00
CAB HEM F . -7.94 21.83 -22.22
CBB HEM F . -8.67 22.89 -22.57
C1C HEM F . -5.56 18.39 -20.82
C2C HEM F . -6.03 17.56 -19.73
C3C HEM F . -5.08 16.63 -19.49
C4C HEM F . -3.98 16.86 -20.43
CMC HEM F . -7.39 17.81 -19.05
CAC HEM F . -5.00 15.48 -18.47
CBC HEM F . -5.92 15.22 -17.51
C1D HEM F . -1.76 16.41 -21.39
C2D HEM F . -0.46 15.77 -21.35
C3D HEM F . 0.35 16.40 -22.48
C4D HEM F . -0.54 17.38 -23.08
CMD HEM F . 0.01 14.67 -20.37
CAD HEM F . 1.81 16.12 -22.89
CBD HEM F . 1.93 15.03 -23.95
CGD HEM F . 3.36 14.97 -24.43
O1D HEM F . 4.02 16.04 -24.53
O2D HEM F . 3.85 13.85 -24.73
NA HEM F . -2.27 19.46 -24.40
NB HEM F . -4.83 19.96 -23.24
NC HEM F . -4.32 17.95 -21.23
ND HEM F . -1.76 17.34 -22.42
FE HEM F . -3.28 18.67 -22.81
C1 GOL G . 6.90 0.32 -12.32
O1 GOL G . 5.84 -0.19 -11.54
C2 GOL G . 6.54 1.68 -12.93
O2 GOL G . 7.52 2.01 -13.89
C3 GOL G . 5.17 1.69 -13.61
O3 GOL G . 4.41 2.77 -13.11
C CYN H . -2.52 20.07 -21.35
N CYN H . -1.72 20.92 -20.70
CHA HEM I . 13.38 -26.40 -5.27
CHB HEM I . 18.19 -26.87 -5.81
CHC HEM I . 18.70 -22.13 -4.99
CHD HEM I . 13.88 -21.51 -5.02
C1A HEM I . 14.63 -26.93 -5.48
C2A HEM I . 14.92 -28.33 -5.74
C3A HEM I . 16.25 -28.47 -5.89
C4A HEM I . 16.84 -27.16 -5.73
CMA HEM I . 16.99 -29.79 -6.18
CAA HEM I . 13.88 -29.47 -5.82
CBA HEM I . 13.70 -30.08 -4.44
CGA HEM I . 12.30 -30.64 -4.31
O1A HEM I . 12.12 -31.85 -4.55
O2A HEM I . 11.36 -29.88 -3.95
C1B HEM I . 18.74 -25.64 -5.52
C2B HEM I . 20.15 -25.40 -5.25
C3B HEM I . 20.29 -24.06 -5.02
C4B HEM I . 18.98 -23.46 -5.15
CMB HEM I . 21.21 -26.52 -5.25
CAB HEM I . 21.54 -23.21 -4.68
CBB HEM I . 22.75 -23.67 -4.38
C1C HEM I . 17.45 -21.56 -4.99
C2C HEM I . 17.20 -20.13 -4.94
C3C HEM I . 15.87 -19.95 -4.96
C4C HEM I . 15.24 -21.26 -5.00
CMC HEM I . 18.37 -19.12 -4.90
CAC HEM I . 15.05 -18.64 -4.91
CBC HEM I . 15.54 -17.45 -4.56
C1D HEM I . 13.28 -22.77 -5.05
C2D HEM I . 11.85 -23.02 -4.96
C3D HEM I . 11.70 -24.55 -5.05
C4D HEM I . 13.05 -25.06 -5.17
CMD HEM I . 10.69 -22.01 -4.81
CAD HEM I . 10.38 -25.34 -4.98
CBD HEM I . 9.91 -25.85 -6.34
CGD HEM I . 8.76 -26.81 -6.11
O1D HEM I . 8.91 -27.74 -5.27
O2D HEM I . 7.70 -26.66 -6.76
NA HEM I . 15.84 -26.24 -5.49
NB HEM I . 18.07 -24.44 -5.45
NC HEM I . 16.24 -22.21 -5.02
ND HEM I . 13.94 -23.98 -5.17
FE HEM I . 16.03 -24.18 -5.20
C CYN J . 16.19 -24.49 -3.06
N CYN J . 15.90 -24.46 -1.75
CHA HEM K . 23.68 -0.21 -17.63
CHB HEM K . 25.62 3.57 -19.95
CHC HEM K . 22.31 6.48 -17.97
CHD HEM K . 19.97 2.65 -16.18
C1A HEM K . 24.50 0.55 -18.43
C2A HEM K . 25.65 0.07 -19.16
C3A HEM K . 26.19 1.11 -19.80
C4A HEM K . 25.40 2.28 -19.49
CMA HEM K . 27.45 1.08 -20.71
CAA HEM K . 26.11 -1.41 -19.15
CBA HEM K . 27.61 -1.55 -19.07
CGA HEM K . 27.95 -2.92 -18.53
O1A HEM K . 28.91 -3.54 -19.04
O2A HEM K . 27.26 -3.43 -17.60
C1B HEM K . 24.95 4.69 -19.53
C2B HEM K . 25.39 6.07 -19.71
C3B HEM K . 24.46 6.87 -19.16
C4B HEM K . 23.44 6.01 -18.61
CMB HEM K . 26.71 6.41 -20.44
CAB HEM K . 24.34 8.41 -19.02
CBB HEM K . 25.23 9.32 -19.46
C1C HEM K . 21.35 5.70 -17.39
C2C HEM K . 20.10 6.20 -16.86
C3C HEM K . 19.43 5.16 -16.36
C4C HEM K . 20.24 3.95 -16.55
CMC HEM K . 19.66 7.69 -16.89
CAC HEM K . 18.03 5.37 -15.71
CBC HEM K . 17.37 4.38 -15.13
C1D HEM K . 20.77 1.53 -16.35
C2D HEM K . 20.46 0.19 -15.86
C3D HEM K . 21.61 -0.70 -16.32
C4D HEM K . 22.51 0.18 -17.04
CMD HEM K . 19.24 -0.29 -15.04
CAD HEM K . 21.79 -2.21 -16.04
CBD HEM K . 21.65 -3.00 -17.35
CGD HEM K . 22.54 -4.22 -17.33
O1D HEM K . 23.78 -4.05 -17.18
O2D HEM K . 22.04 -5.36 -17.49
NA HEM K . 24.38 1.90 -18.65
NB HEM K . 23.76 4.70 -18.86
NC HEM K . 21.41 4.33 -17.17
ND HEM K . 21.98 1.47 -17.03
FE HEM K . 22.84 3.08 -17.97
C CYN L . 24.05 3.30 -16.21
N CYN L . 24.80 3.73 -15.18
C1 EDO M . 29.14 2.27 -15.88
O1 EDO M . 28.59 2.85 -17.07
C2 EDO M . 29.00 3.26 -14.72
O2 EDO M . 29.84 2.86 -13.62
CHA HEM N . -17.26 -23.91 -3.36
CHB HEM N . -16.11 -28.36 -1.84
CHC HEM N . -11.99 -26.65 0.05
CHD HEM N . -12.72 -22.42 -2.22
C1A HEM N . -17.31 -25.26 -3.12
C2A HEM N . -18.37 -26.17 -3.54
C3A HEM N . -18.05 -27.40 -3.13
C4A HEM N . -16.78 -27.31 -2.43
CMA HEM N . -18.88 -28.67 -3.35
CAA HEM N . -19.64 -25.78 -4.33
CBA HEM N . -20.70 -25.25 -3.37
CGA HEM N . -21.93 -24.84 -4.13
O1A HEM N . -22.44 -25.65 -4.95
O2A HEM N . -22.42 -23.71 -3.90
C1B HEM N . -14.93 -28.25 -1.11
C2B HEM N . -14.39 -29.27 -0.23
C3B HEM N . -13.24 -28.80 0.29
C4B HEM N . -13.05 -27.46 -0.24
CMB HEM N . -15.10 -30.63 -0.02
CAB HEM N . -12.23 -29.40 1.29
CBB HEM N . -12.42 -30.53 2.00
C1C HEM N . -11.79 -25.38 -0.46
C2C HEM N . -10.58 -24.60 -0.31
C3C HEM N . -10.79 -23.42 -0.93
C4C HEM N . -12.13 -23.44 -1.50
CMC HEM N . -9.36 -25.14 0.48
CAC HEM N . -9.86 -22.18 -1.11
CBC HEM N . -8.59 -22.14 -0.71
C1D HEM N . -14.03 -22.40 -2.70
C2D HEM N . -14.68 -21.25 -3.32
C3D HEM N . -16.09 -21.71 -3.67
C4D HEM N . -16.16 -23.09 -3.24
CMD HEM N . -14.09 -19.85 -3.58
CAD HEM N . -17.22 -20.89 -4.34
CBD HEM N . -17.35 -21.21 -5.83
CGD HEM N . -18.63 -20.61 -6.37
O1D HEM N . -19.72 -20.86 -5.79
O2D HEM N . -18.56 -19.89 -7.40
NA HEM N . -16.36 -25.99 -2.44
NB HEM N . -14.09 -27.17 -1.09
NC HEM N . -12.71 -24.65 -1.19
ND HEM N . -14.93 -23.45 -2.67
FE HEM N . -14.48 -25.32 -1.90
C CYN O . -15.39 -25.15 0.04
N CYN O . -15.81 -24.37 1.05
CHA HEM P . -25.67 3.38 -15.05
CHB HEM P . -29.71 0.98 -13.81
CHC HEM P . -27.36 -1.08 -10.11
CHD HEM P . -23.18 0.71 -11.75
C1A HEM P . -26.97 2.91 -15.05
C2A HEM P . -28.03 3.27 -15.99
C3A HEM P . -29.13 2.61 -15.65
C4A HEM P . -28.84 1.81 -14.48
CMA HEM P . -30.50 2.70 -16.35
CAA HEM P . -27.90 4.27 -17.17
CBA HEM P . -27.77 5.66 -16.56
CGA HEM P . -27.43 6.69 -17.60
O1A HEM P . -28.13 6.75 -18.64
O2A HEM P . -26.47 7.48 -17.39
C1B HEM P . -29.46 0.31 -12.64
C2B HEM P . -30.44 -0.28 -11.76
C3B HEM P . -29.79 -0.86 -10.73
C4B HEM P . -28.37 -0.64 -10.94
CMB HEM P . -31.95 -0.21 -12.08
CAB HEM P . -30.28 -1.64 -9.48
CBB HEM P . -31.54 -1.97 -9.21
C1C HEM P . -26.03 -0.81 -10.26
C2C HEM P . -24.98 -1.35 -9.41
C3C HEM P . -23.80 -0.85 -9.86
C4C HEM P . -24.11 0.00 -11.00
CMC HEM P . -25.31 -2.29 -8.23
CAC HEM P . -22.36 -1.04 -9.36
CBC HEM P . -21.99 -1.76 -8.29
C1D HEM P . -23.45 1.64 -12.74
C2D HEM P . -22.48 2.53 -13.35
C3D HEM P . -23.26 3.36 -14.38
C4D HEM P . -24.63 2.89 -14.29
CMD HEM P . -20.98 2.62 -13.03
CAD HEM P . -22.70 4.46 -15.30
CBD HEM P . -22.26 3.92 -16.66
CGD HEM P . -22.04 5.05 -17.64
O1D HEM P . -22.75 6.09 -17.57
O2D HEM P . -21.13 4.93 -18.50
NA HEM P . -27.51 2.01 -14.15
NB HEM P . -28.20 0.08 -12.10
NC HEM P . -25.47 -0.01 -11.21
ND HEM P . -24.70 1.90 -13.33
FE HEM P . -26.49 1.01 -12.67
C CYN Q . -27.14 2.68 -11.48
N CYN Q . -26.82 3.53 -10.49
C1 EDO R . -14.70 -3.45 4.32
O1 EDO R . -14.81 -2.04 4.13
C2 EDO R . -15.97 -4.02 4.94
O2 EDO R . -17.12 -3.50 4.25
#